data_3EUF
#
_entry.id   3EUF
#
_cell.length_a   66.197
_cell.length_b   74.442
_cell.length_c   262.707
_cell.angle_alpha   90.00
_cell.angle_beta   90.00
_cell.angle_gamma   90.00
#
_symmetry.space_group_name_H-M   'P 21 21 21'
#
loop_
_entity.id
_entity.type
_entity.pdbx_description
1 polymer 'Uridine phosphorylase 1'
2 non-polymer 1-((2-HYDROXYETHOXY)METHYL)-5-BENZYLPYRIMIDINE-2,4(1H,3H)-DIONE
3 non-polymer 'PHOSPHATE ION'
4 water water
#
_entity_poly.entity_id   1
_entity_poly.type   'polypeptide(L)'
_entity_poly.pdbx_seq_one_letter_code
;MRGSHHHHHHGSPGLQEFMAATGANAEKAESHNDCPVRLLNPNIAKMKEDILYHFNLTTSRHNFPALFGDVKFVCVGGSP
SRMKAFIRCVGAELGLDCPGRDYPNICAGTDRYAMYKVGPVLSVSHGMGIPSISIMLHELIKLLYYARCSNVTIIRIGTS
GGIGLEPGTVVITEQAVDTCFKAEFEQIVLGKRVIRKTDLNKKLVQELLLCSAELSEFTTVVGNTMCTLDFYEGQGRLDG
ALCSYTEKDKQAYLEAAYAAGVRNIEMESSVFAAMCSACGLQAAVVCVTLLNRLEGDQISSPRNVLSEYQQRPQRLVSYF
IKKKLSKA
;
_entity_poly.pdbx_strand_id   A,B,C,D
#
loop_
_chem_comp.id
_chem_comp.type
_chem_comp.name
_chem_comp.formula
BAU non-polymer 1-((2-HYDROXYETHOXY)METHYL)-5-BENZYLPYRIMIDINE-2,4(1H,3H)-DIONE 'C14 H16 N2 O4'
PO4 non-polymer 'PHOSPHATE ION' 'O4 P -3'
#
# COMPACT_ATOMS: atom_id res chain seq x y z
N ASP A 34 34.85 -17.42 6.30
CA ASP A 34 35.86 -17.78 5.26
C ASP A 34 35.58 -17.15 3.89
N CYS A 35 34.57 -17.64 3.17
CA CYS A 35 34.22 -17.08 1.86
C CYS A 35 32.82 -16.41 1.75
N PRO A 36 32.79 -15.06 1.86
CA PRO A 36 31.55 -14.30 1.87
C PRO A 36 30.95 -14.15 0.46
N VAL A 37 29.63 -14.22 0.36
CA VAL A 37 28.97 -13.92 -0.92
C VAL A 37 29.35 -12.49 -1.27
N ARG A 38 29.70 -12.27 -2.53
CA ARG A 38 30.04 -10.94 -3.02
C ARG A 38 29.17 -10.49 -4.21
N LEU A 39 28.93 -9.18 -4.29
CA LEU A 39 28.27 -8.60 -5.45
C LEU A 39 29.31 -7.92 -6.31
N LEU A 40 28.99 -7.74 -7.59
CA LEU A 40 29.82 -7.00 -8.54
C LEU A 40 29.06 -5.77 -9.03
N ASN A 41 28.61 -4.99 -8.06
CA ASN A 41 27.84 -3.77 -8.30
C ASN A 41 28.13 -2.70 -7.25
N PRO A 42 28.90 -1.64 -7.60
CA PRO A 42 29.24 -0.55 -6.63
C PRO A 42 28.03 0.28 -6.14
N ASN A 43 26.92 0.25 -6.89
CA ASN A 43 25.73 1.04 -6.55
C ASN A 43 24.97 0.55 -5.32
N ILE A 44 25.14 -0.71 -4.98
CA ILE A 44 24.38 -1.29 -3.90
C ILE A 44 24.75 -0.63 -2.57
N ALA A 45 26.04 -0.38 -2.39
CA ALA A 45 26.59 0.23 -1.16
C ALA A 45 25.93 1.57 -0.83
N LYS A 46 25.52 2.28 -1.88
CA LYS A 46 24.98 3.65 -1.79
C LYS A 46 23.48 3.73 -1.59
N MET A 47 22.82 2.59 -1.54
CA MET A 47 21.37 2.55 -1.43
C MET A 47 20.96 2.57 0.04
N LYS A 48 19.96 3.38 0.36
CA LYS A 48 19.40 3.44 1.73
C LYS A 48 18.61 2.16 2.11
N GLU A 49 17.73 1.73 1.21
CA GLU A 49 16.92 0.52 1.37
C GLU A 49 16.88 -0.18 0.00
N ASP A 50 16.55 -1.47 0.00
CA ASP A 50 16.47 -2.21 -1.26
C ASP A 50 15.27 -3.10 -1.19
N ILE A 51 14.64 -3.30 -2.33
CA ILE A 51 13.45 -4.13 -2.39
C ILE A 51 13.72 -5.27 -3.34
N LEU A 52 13.55 -6.51 -2.86
CA LEU A 52 13.68 -7.69 -3.69
C LEU A 52 12.31 -7.92 -4.25
N TYR A 53 12.01 -7.19 -5.34
CA TYR A 53 10.66 -7.07 -5.83
C TYR A 53 9.97 -8.40 -6.05
N HIS A 54 10.69 -9.37 -6.60
CA HIS A 54 10.04 -10.61 -7.03
C HIS A 54 9.92 -11.67 -5.93
N PHE A 55 10.54 -11.39 -4.77
CA PHE A 55 10.39 -12.17 -3.53
C PHE A 55 9.45 -11.52 -2.51
N ASN A 56 9.06 -10.25 -2.74
CA ASN A 56 8.29 -9.48 -1.72
C ASN A 56 9.05 -9.38 -0.37
N LEU A 57 10.36 -9.19 -0.44
CA LEU A 57 11.18 -8.99 0.74
C LEU A 57 11.88 -7.62 0.63
N THR A 58 11.97 -6.87 1.73
CA THR A 58 12.61 -5.56 1.68
C THR A 58 13.48 -5.43 2.91
N THR A 59 14.59 -4.70 2.77
CA THR A 59 15.50 -4.46 3.88
C THR A 59 14.83 -3.58 4.94
N SER A 60 13.74 -2.90 4.59
CA SER A 60 13.08 -2.04 5.59
C SER A 60 12.22 -2.86 6.54
N ARG A 61 11.68 -3.97 6.03
CA ARG A 61 10.69 -4.78 6.73
C ARG A 61 11.26 -6.06 7.27
N HIS A 62 12.33 -6.56 6.63
CA HIS A 62 12.83 -7.90 6.94
C HIS A 62 14.24 -7.86 7.47
N ASN A 63 14.45 -8.66 8.50
CA ASN A 63 15.75 -8.81 9.15
C ASN A 63 16.54 -9.92 8.43
N PHE A 64 17.40 -9.56 7.48
CA PHE A 64 18.03 -10.57 6.62
C PHE A 64 18.97 -11.54 7.37
N PRO A 65 19.93 -11.03 8.16
CA PRO A 65 20.75 -12.00 8.94
C PRO A 65 19.95 -12.94 9.86
N ALA A 66 18.89 -12.42 10.50
CA ALA A 66 18.04 -13.23 11.40
C ALA A 66 17.33 -14.31 10.61
N LEU A 67 16.83 -13.95 9.41
CA LEU A 67 16.08 -14.93 8.61
C LEU A 67 16.96 -15.97 7.89
N PHE A 68 18.13 -15.54 7.40
CA PHE A 68 18.88 -16.34 6.41
C PHE A 68 20.36 -16.45 6.68
N GLY A 69 20.87 -15.78 7.71
CA GLY A 69 22.30 -15.80 8.03
C GLY A 69 22.90 -17.19 8.13
N ASP A 70 22.08 -18.17 8.51
CA ASP A 70 22.61 -19.53 8.71
C ASP A 70 22.58 -20.41 7.45
N VAL A 71 22.06 -19.85 6.36
CA VAL A 71 22.03 -20.60 5.08
C VAL A 71 23.41 -21.05 4.53
N LYS A 72 23.54 -22.34 4.23
CA LYS A 72 24.81 -22.87 3.69
C LYS A 72 24.63 -23.60 2.36
N PHE A 73 23.39 -24.04 2.11
CA PHE A 73 23.06 -24.73 0.87
C PHE A 73 21.83 -24.07 0.25
N VAL A 74 21.90 -23.77 -1.04
CA VAL A 74 20.72 -23.28 -1.74
C VAL A 74 20.42 -24.24 -2.87
N CYS A 75 19.20 -24.75 -2.92
CA CYS A 75 18.85 -25.60 -4.05
C CYS A 75 17.77 -24.87 -4.87
N VAL A 76 17.89 -24.89 -6.20
CA VAL A 76 16.94 -24.15 -7.06
C VAL A 76 16.44 -25.03 -8.20
N GLY A 77 15.19 -24.83 -8.62
CA GLY A 77 14.57 -25.69 -9.64
C GLY A 77 13.34 -24.98 -10.20
N GLY A 78 12.87 -25.43 -11.35
CA GLY A 78 11.86 -24.68 -12.08
C GLY A 78 10.52 -24.69 -11.37
N SER A 79 10.10 -25.85 -10.89
CA SER A 79 8.76 -26.05 -10.33
C SER A 79 8.64 -25.79 -8.82
N PRO A 80 7.73 -24.85 -8.42
CA PRO A 80 7.46 -24.52 -7.00
C PRO A 80 7.09 -25.76 -6.17
N SER A 81 6.27 -26.64 -6.73
CA SER A 81 5.92 -27.85 -5.98
C SER A 81 7.08 -28.87 -5.82
N ARG A 82 7.97 -28.92 -6.80
CA ARG A 82 9.22 -29.69 -6.67
C ARG A 82 10.07 -29.11 -5.55
N MET A 83 10.16 -27.78 -5.49
CA MET A 83 11.01 -27.12 -4.48
C MET A 83 10.49 -27.27 -3.05
N LYS A 84 9.16 -27.29 -2.90
CA LYS A 84 8.54 -27.63 -1.61
C LYS A 84 8.79 -29.12 -1.24
N ALA A 85 8.56 -30.02 -2.20
CA ALA A 85 8.90 -31.46 -2.05
C ALA A 85 10.35 -31.62 -1.65
N PHE A 86 11.23 -30.79 -2.22
CA PHE A 86 12.65 -30.84 -1.90
C PHE A 86 12.90 -30.47 -0.42
N ILE A 87 12.35 -29.34 0.02
CA ILE A 87 12.58 -28.92 1.37
C ILE A 87 12.11 -29.97 2.43
N ARG A 88 10.96 -30.60 2.17
CA ARG A 88 10.38 -31.65 2.99
C ARG A 88 11.29 -32.88 3.02
N CYS A 89 11.85 -33.22 1.85
CA CYS A 89 12.80 -34.33 1.73
C CYS A 89 14.07 -34.10 2.59
N VAL A 90 14.67 -32.93 2.44
CA VAL A 90 15.79 -32.45 3.28
C VAL A 90 15.44 -32.39 4.79
N GLY A 91 14.26 -31.85 5.10
CA GLY A 91 13.79 -31.79 6.49
C GLY A 91 13.92 -33.17 7.13
N ALA A 92 13.29 -34.16 6.49
CA ALA A 92 13.28 -35.53 6.98
C ALA A 92 14.67 -36.21 6.99
N GLU A 93 15.51 -35.90 6.02
CA GLU A 93 16.89 -36.42 5.96
C GLU A 93 17.73 -35.92 7.12
N LEU A 94 17.57 -34.65 7.43
CA LEU A 94 18.38 -33.97 8.43
C LEU A 94 17.87 -34.26 9.83
N GLY A 95 16.70 -34.89 9.93
CA GLY A 95 16.05 -35.16 11.20
C GLY A 95 15.66 -33.84 11.86
N LEU A 96 15.87 -32.75 11.12
CA LEU A 96 15.30 -31.45 11.49
C LEU A 96 13.80 -31.46 11.15
N ASP A 97 13.28 -32.66 10.94
CA ASP A 97 11.93 -32.92 10.44
C ASP A 97 10.86 -32.26 11.27
N CYS A 98 9.69 -32.18 10.65
CA CYS A 98 8.56 -31.38 11.10
C CYS A 98 7.30 -32.25 10.92
N PRO A 99 7.24 -33.41 11.65
CA PRO A 99 6.37 -34.54 11.30
C PRO A 99 4.91 -34.35 11.74
N GLY A 100 4.02 -34.20 10.77
CA GLY A 100 2.65 -33.72 11.01
C GLY A 100 2.45 -32.24 10.67
N ARG A 101 3.52 -31.54 10.24
CA ARG A 101 3.49 -30.06 10.09
C ARG A 101 4.03 -29.48 8.75
N ASP A 102 4.23 -28.15 8.70
CA ASP A 102 4.32 -27.36 7.46
C ASP A 102 5.59 -26.51 7.27
N TYR A 103 5.88 -26.18 6.01
CA TYR A 103 7.03 -25.36 5.66
C TYR A 103 6.48 -24.13 4.97
N PRO A 104 6.51 -22.97 5.66
CA PRO A 104 5.84 -21.82 5.03
C PRO A 104 6.60 -21.26 3.83
N ASN A 105 5.86 -20.86 2.80
CA ASN A 105 6.42 -20.08 1.67
C ASN A 105 6.85 -18.70 2.14
N ILE A 106 8.14 -18.45 2.09
CA ILE A 106 8.72 -17.20 2.53
C ILE A 106 8.28 -16.03 1.61
N CYS A 107 7.88 -16.38 0.38
CA CYS A 107 7.42 -15.40 -0.61
C CYS A 107 5.90 -15.21 -0.62
N ALA A 108 5.18 -15.77 0.35
CA ALA A 108 3.74 -15.53 0.43
C ALA A 108 3.50 -14.02 0.21
N GLY A 109 2.49 -13.67 -0.57
CA GLY A 109 2.29 -12.26 -0.97
C GLY A 109 2.62 -11.94 -2.44
N THR A 110 3.36 -12.84 -3.08
CA THR A 110 3.71 -12.74 -4.50
C THR A 110 3.66 -14.15 -5.08
N ASP A 111 3.45 -14.29 -6.37
CA ASP A 111 3.59 -15.61 -6.93
C ASP A 111 4.58 -15.73 -8.04
N ARG A 112 5.58 -14.85 -8.07
CA ARG A 112 6.64 -14.94 -9.07
C ARG A 112 7.57 -16.16 -8.79
N TYR A 113 7.94 -16.33 -7.52
CA TYR A 113 8.76 -17.47 -7.09
C TYR A 113 8.27 -17.93 -5.73
N ALA A 114 8.58 -19.19 -5.38
CA ALA A 114 8.37 -19.72 -4.05
C ALA A 114 9.70 -20.00 -3.36
N MET A 115 9.71 -19.89 -2.03
CA MET A 115 10.94 -20.01 -1.28
C MET A 115 10.70 -20.68 0.07
N TYR A 116 11.52 -21.68 0.42
CA TYR A 116 11.36 -22.43 1.67
C TYR A 116 12.70 -22.60 2.35
N LYS A 117 12.67 -22.84 3.66
CA LYS A 117 13.87 -22.93 4.46
C LYS A 117 13.71 -23.99 5.56
N VAL A 118 14.71 -24.85 5.68
CA VAL A 118 14.81 -25.77 6.83
C VAL A 118 16.28 -25.84 7.20
N GLY A 119 16.60 -25.36 8.40
CA GLY A 119 18.00 -25.11 8.79
C GLY A 119 18.92 -24.29 7.89
N PRO A 120 20.09 -24.87 7.54
CA PRO A 120 21.03 -24.13 6.73
C PRO A 120 20.72 -24.29 5.23
N VAL A 121 19.55 -24.82 4.92
CA VAL A 121 19.15 -25.09 3.54
C VAL A 121 17.96 -24.19 3.08
N LEU A 122 18.12 -23.57 1.93
CA LEU A 122 17.05 -22.77 1.32
C LEU A 122 16.68 -23.43 -0.04
N SER A 123 15.40 -23.44 -0.38
CA SER A 123 14.90 -24.04 -1.62
C SER A 123 14.14 -22.92 -2.32
N VAL A 124 14.45 -22.67 -3.60
CA VAL A 124 13.85 -21.53 -4.35
C VAL A 124 13.43 -22.00 -5.76
N SER A 125 12.19 -21.72 -6.17
CA SER A 125 11.79 -22.02 -7.54
C SER A 125 12.35 -20.92 -8.48
N HIS A 126 12.40 -21.21 -9.77
CA HIS A 126 12.91 -20.23 -10.72
C HIS A 126 12.10 -20.11 -12.02
N GLY A 127 10.98 -20.82 -12.13
CA GLY A 127 10.28 -20.84 -13.42
C GLY A 127 11.10 -21.45 -14.55
N MET A 128 10.68 -21.19 -15.80
CA MET A 128 11.37 -21.70 -16.96
C MET A 128 12.08 -20.61 -17.79
N GLY A 129 13.35 -20.85 -18.09
CA GLY A 129 14.06 -20.05 -19.09
C GLY A 129 15.09 -19.11 -18.48
N ILE A 130 16.03 -18.69 -19.30
CA ILE A 130 17.10 -17.79 -18.83
C ILE A 130 16.60 -16.55 -18.07
N PRO A 131 15.66 -15.79 -18.68
CA PRO A 131 15.24 -14.57 -17.95
C PRO A 131 14.63 -14.82 -16.61
N SER A 132 13.82 -15.89 -16.48
CA SER A 132 13.17 -16.21 -15.21
C SER A 132 14.17 -16.59 -14.11
N ILE A 133 15.17 -17.38 -14.45
CA ILE A 133 16.17 -17.70 -13.42
C ILE A 133 17.11 -16.50 -13.19
N SER A 134 17.38 -15.70 -14.21
CA SER A 134 18.28 -14.55 -14.07
C SER A 134 17.74 -13.57 -13.00
N ILE A 135 16.45 -13.21 -13.10
CA ILE A 135 15.85 -12.37 -12.11
C ILE A 135 15.95 -12.99 -10.70
N MET A 136 15.62 -14.28 -10.57
CA MET A 136 15.73 -14.93 -9.27
C MET A 136 17.15 -14.82 -8.71
N LEU A 137 18.13 -15.12 -9.55
CA LEU A 137 19.55 -15.13 -9.11
C LEU A 137 20.02 -13.75 -8.67
N HIS A 138 19.64 -12.71 -9.42
CA HIS A 138 20.04 -11.35 -9.01
C HIS A 138 19.51 -11.08 -7.63
N GLU A 139 18.22 -11.37 -7.41
CA GLU A 139 17.61 -11.13 -6.09
C GLU A 139 18.11 -12.07 -4.98
N LEU A 140 18.27 -13.33 -5.31
CA LEU A 140 18.86 -14.29 -4.36
C LEU A 140 20.27 -13.91 -3.91
N ILE A 141 21.15 -13.60 -4.85
CA ILE A 141 22.52 -13.26 -4.50
C ILE A 141 22.56 -12.01 -3.57
N LYS A 142 21.72 -11.01 -3.86
CA LYS A 142 21.59 -9.87 -2.92
C LYS A 142 21.04 -10.23 -1.53
N LEU A 143 20.07 -11.13 -1.45
CA LEU A 143 19.58 -11.62 -0.14
C LEU A 143 20.74 -12.22 0.66
N LEU A 144 21.50 -13.09 -0.01
CA LEU A 144 22.59 -13.85 0.65
C LEU A 144 23.64 -12.86 1.20
N TYR A 145 24.02 -11.92 0.35
CA TYR A 145 24.82 -10.77 0.74
C TYR A 145 24.20 -9.96 1.92
N TYR A 146 22.95 -9.56 1.81
CA TYR A 146 22.30 -8.84 2.94
C TYR A 146 22.25 -9.69 4.24
N ALA A 147 22.11 -11.01 4.09
CA ALA A 147 22.09 -11.92 5.22
C ALA A 147 23.47 -12.13 5.84
N ARG A 148 24.52 -11.63 5.19
CA ARG A 148 25.89 -11.91 5.57
C ARG A 148 26.21 -13.43 5.55
N CYS A 149 25.71 -14.12 4.52
CA CYS A 149 26.05 -15.54 4.27
C CYS A 149 27.51 -15.81 3.84
N SER A 150 28.02 -16.98 4.20
CA SER A 150 29.39 -17.34 3.82
C SER A 150 29.41 -18.82 3.52
N ASN A 151 30.33 -19.21 2.63
CA ASN A 151 30.53 -20.62 2.25
C ASN A 151 29.26 -21.31 1.73
N VAL A 152 28.58 -20.61 0.83
CA VAL A 152 27.32 -21.07 0.26
C VAL A 152 27.59 -21.94 -0.96
N THR A 153 26.91 -23.08 -0.99
CA THR A 153 26.90 -23.93 -2.17
C THR A 153 25.51 -23.78 -2.79
N ILE A 154 25.46 -23.53 -4.10
CA ILE A 154 24.16 -23.48 -4.83
C ILE A 154 24.07 -24.60 -5.89
N ILE A 155 22.99 -25.37 -5.87
CA ILE A 155 22.83 -26.42 -6.84
C ILE A 155 21.47 -26.33 -7.53
N ARG A 156 21.49 -26.32 -8.84
CA ARG A 156 20.27 -26.41 -9.63
C ARG A 156 19.89 -27.85 -9.79
N ILE A 157 18.65 -28.15 -9.43
CA ILE A 157 18.08 -29.46 -9.82
C ILE A 157 17.07 -29.24 -10.91
N GLY A 158 17.09 -30.07 -11.94
CA GLY A 158 16.10 -29.89 -12.98
C GLY A 158 15.83 -31.10 -13.85
N THR A 159 15.17 -30.85 -14.99
CA THR A 159 14.81 -31.90 -15.94
C THR A 159 15.46 -31.53 -17.24
N SER A 160 15.55 -32.47 -18.19
CA SER A 160 16.28 -32.20 -19.40
C SER A 160 15.95 -33.23 -20.45
N GLY A 161 16.25 -32.91 -21.70
CA GLY A 161 16.23 -33.92 -22.79
C GLY A 161 17.62 -34.55 -22.85
N GLY A 162 17.71 -35.87 -22.85
CA GLY A 162 19.04 -36.52 -23.06
C GLY A 162 19.39 -36.70 -24.53
N ILE A 163 20.69 -36.81 -24.83
CA ILE A 163 21.14 -37.17 -26.18
C ILE A 163 21.99 -38.44 -26.01
N GLY A 164 21.45 -39.57 -26.44
CA GLY A 164 22.20 -40.84 -26.37
C GLY A 164 22.36 -41.43 -24.99
N LEU A 165 21.42 -41.11 -24.08
CA LEU A 165 21.39 -41.69 -22.72
C LEU A 165 20.04 -42.33 -22.57
N GLU A 166 19.95 -43.40 -21.78
CA GLU A 166 18.64 -43.98 -21.49
C GLU A 166 17.79 -42.98 -20.67
N PRO A 167 16.45 -42.96 -20.89
CA PRO A 167 15.63 -42.08 -20.08
C PRO A 167 15.82 -42.37 -18.59
N GLY A 168 15.80 -41.33 -17.78
CA GLY A 168 16.01 -41.47 -16.35
C GLY A 168 17.45 -41.25 -15.92
N THR A 169 18.38 -41.10 -16.85
CA THR A 169 19.78 -40.92 -16.47
C THR A 169 19.93 -39.57 -15.80
N VAL A 170 20.70 -39.51 -14.71
CA VAL A 170 20.97 -38.22 -14.06
C VAL A 170 22.29 -37.70 -14.60
N VAL A 171 22.29 -36.44 -15.06
CA VAL A 171 23.50 -35.85 -15.58
C VAL A 171 23.99 -34.80 -14.59
N ILE A 172 25.27 -34.90 -14.23
CA ILE A 172 25.90 -33.84 -13.43
C ILE A 172 26.67 -33.04 -14.45
N THR A 173 26.35 -31.75 -14.54
CA THR A 173 26.94 -30.91 -15.57
C THR A 173 28.42 -30.58 -15.33
N GLU A 174 29.23 -30.84 -16.35
CA GLU A 174 30.63 -30.48 -16.36
C GLU A 174 30.78 -29.04 -16.86
N GLN A 175 30.41 -28.84 -18.14
CA GLN A 175 30.22 -27.49 -18.71
C GLN A 175 28.80 -27.22 -19.19
N ALA A 176 28.31 -26.02 -18.82
CA ALA A 176 27.07 -25.44 -19.40
C ALA A 176 27.42 -24.74 -20.70
N VAL A 177 26.81 -25.14 -21.81
CA VAL A 177 27.20 -24.67 -23.12
C VAL A 177 26.01 -24.09 -23.92
N ASP A 178 26.33 -23.33 -24.97
CA ASP A 178 25.32 -22.71 -25.83
C ASP A 178 25.01 -23.56 -27.06
N THR A 179 24.26 -22.98 -27.98
CA THR A 179 23.80 -23.69 -29.15
C THR A 179 24.89 -24.00 -30.17
N CYS A 180 26.08 -23.42 -29.99
CA CYS A 180 27.29 -23.80 -30.73
C CYS A 180 28.17 -24.72 -29.90
N PHE A 181 27.61 -25.21 -28.79
CA PHE A 181 28.33 -26.12 -27.91
C PHE A 181 29.56 -25.47 -27.24
N LYS A 182 29.57 -24.14 -27.09
CA LYS A 182 30.68 -23.46 -26.38
C LYS A 182 30.33 -23.05 -24.95
N ALA A 183 31.33 -23.08 -24.06
CA ALA A 183 31.15 -22.69 -22.65
C ALA A 183 30.97 -21.18 -22.37
N GLU A 184 29.92 -20.62 -22.95
CA GLU A 184 29.67 -19.17 -22.90
C GLU A 184 28.18 -18.86 -22.68
N PHE A 185 27.93 -17.75 -21.99
CA PHE A 185 26.62 -17.09 -21.93
C PHE A 185 26.73 -15.68 -22.60
N GLU A 186 25.93 -15.44 -23.65
CA GLU A 186 25.84 -14.11 -24.30
C GLU A 186 24.51 -13.37 -24.03
N GLN A 187 24.61 -12.07 -23.79
CA GLN A 187 23.43 -11.23 -23.54
C GLN A 187 23.74 -9.84 -24.14
N ILE A 188 22.70 -9.03 -24.38
CA ILE A 188 22.90 -7.65 -24.86
C ILE A 188 22.78 -6.71 -23.66
N VAL A 189 23.74 -5.81 -23.47
CA VAL A 189 23.70 -4.88 -22.34
C VAL A 189 23.87 -3.45 -22.90
N LEU A 190 22.87 -2.59 -22.71
CA LEU A 190 22.84 -1.29 -23.41
C LEU A 190 23.19 -1.36 -24.92
N GLY A 191 22.56 -2.30 -25.63
CA GLY A 191 22.74 -2.43 -27.08
C GLY A 191 23.99 -3.19 -27.52
N LYS A 192 24.81 -3.60 -26.57
CA LYS A 192 26.10 -4.24 -26.92
C LYS A 192 26.13 -5.74 -26.53
N ARG A 193 26.52 -6.60 -27.47
CA ARG A 193 26.73 -8.01 -27.16
C ARG A 193 27.86 -8.19 -26.13
N VAL A 194 27.54 -8.83 -25.00
CA VAL A 194 28.51 -9.09 -23.95
C VAL A 194 28.58 -10.63 -23.71
N ILE A 195 29.78 -11.17 -23.52
CA ILE A 195 29.95 -12.61 -23.33
C ILE A 195 30.58 -12.89 -21.98
N ARG A 196 30.01 -13.83 -21.22
CA ARG A 196 30.63 -14.27 -19.98
C ARG A 196 30.91 -15.79 -20.09
N LYS A 197 32.03 -16.23 -19.51
CA LYS A 197 32.38 -17.64 -19.50
C LYS A 197 31.49 -18.32 -18.48
N THR A 198 31.11 -19.55 -18.79
CA THR A 198 30.37 -20.38 -17.84
C THR A 198 31.38 -21.20 -17.00
N ASP A 199 31.07 -21.40 -15.72
CA ASP A 199 31.98 -22.07 -14.78
C ASP A 199 31.26 -22.80 -13.67
N LEU A 200 31.41 -24.14 -13.64
CA LEU A 200 30.88 -24.95 -12.54
C LEU A 200 32.00 -25.64 -11.73
N ASN A 201 31.91 -25.60 -10.42
CA ASN A 201 32.96 -26.13 -9.52
C ASN A 201 33.30 -27.61 -9.80
N LYS A 202 34.54 -27.86 -10.24
CA LYS A 202 34.99 -29.23 -10.52
C LYS A 202 34.93 -30.16 -9.31
N LYS A 203 35.31 -29.65 -8.14
CA LYS A 203 35.37 -30.47 -6.94
C LYS A 203 33.93 -30.90 -6.51
N LEU A 204 32.98 -29.98 -6.70
CA LEU A 204 31.57 -30.28 -6.42
C LEU A 204 31.05 -31.41 -7.32
N VAL A 205 31.49 -31.43 -8.57
CA VAL A 205 31.04 -32.47 -9.52
C VAL A 205 31.48 -33.83 -8.95
N GLN A 206 32.72 -33.87 -8.46
CA GLN A 206 33.28 -35.09 -7.91
C GLN A 206 32.58 -35.52 -6.62
N GLU A 207 32.25 -34.56 -5.75
CA GLU A 207 31.52 -34.87 -4.53
C GLU A 207 30.14 -35.45 -4.82
N LEU A 208 29.39 -34.82 -5.76
CA LEU A 208 28.10 -35.36 -6.20
C LEU A 208 28.20 -36.76 -6.81
N LEU A 209 29.25 -36.99 -7.59
CA LEU A 209 29.42 -38.30 -8.22
C LEU A 209 29.68 -39.42 -7.18
N LEU A 210 30.51 -39.10 -6.18
CA LEU A 210 30.77 -39.97 -5.07
C LEU A 210 29.47 -40.35 -4.36
N CYS A 211 28.57 -39.37 -4.16
CA CYS A 211 27.31 -39.62 -3.50
C CYS A 211 26.46 -40.58 -4.32
N SER A 212 26.46 -40.37 -5.62
CA SER A 212 25.63 -41.17 -6.55
C SER A 212 26.06 -42.67 -6.58
N ALA A 213 27.37 -42.88 -6.62
CA ALA A 213 28.02 -44.22 -6.50
C ALA A 213 27.70 -44.97 -5.19
N GLU A 214 27.65 -44.23 -4.09
CA GLU A 214 27.25 -44.77 -2.80
C GLU A 214 25.75 -45.13 -2.82
N LEU A 215 24.92 -44.25 -3.40
CA LEU A 215 23.47 -44.50 -3.43
C LEU A 215 23.11 -45.70 -4.28
N SER A 216 23.72 -45.76 -5.45
CA SER A 216 23.49 -46.80 -6.48
C SER A 216 22.01 -47.00 -6.85
N GLU A 217 21.26 -45.89 -6.93
CA GLU A 217 19.81 -45.99 -7.19
C GLU A 217 19.41 -45.67 -8.65
N PHE A 218 20.37 -45.20 -9.43
CA PHE A 218 20.17 -44.79 -10.82
C PHE A 218 21.48 -44.49 -11.49
N THR A 219 21.52 -44.67 -12.81
CA THR A 219 22.69 -44.29 -13.60
C THR A 219 22.93 -42.77 -13.52
N THR A 220 24.21 -42.41 -13.33
CA THR A 220 24.64 -41.04 -13.32
C THR A 220 25.86 -40.87 -14.15
N VAL A 221 25.83 -39.85 -15.00
CA VAL A 221 26.93 -39.54 -15.90
C VAL A 221 27.29 -38.06 -15.73
N VAL A 222 28.49 -37.73 -16.15
CA VAL A 222 29.00 -36.37 -16.11
C VAL A 222 29.18 -35.99 -17.56
N GLY A 223 28.57 -34.89 -18.01
CA GLY A 223 28.80 -34.41 -19.37
C GLY A 223 28.38 -32.94 -19.56
N ASN A 224 28.39 -32.46 -20.79
CA ASN A 224 28.03 -31.06 -21.03
C ASN A 224 26.52 -30.91 -21.24
N THR A 225 26.02 -29.73 -20.88
CA THR A 225 24.60 -29.48 -20.84
C THR A 225 24.41 -28.25 -21.72
N MET A 226 23.61 -28.39 -22.77
CA MET A 226 23.32 -27.29 -23.68
C MET A 226 22.08 -26.56 -23.19
N CYS A 227 22.17 -25.24 -23.15
CA CYS A 227 21.08 -24.39 -22.66
C CYS A 227 20.53 -23.61 -23.88
N THR A 228 19.22 -23.67 -24.07
CA THR A 228 18.57 -23.05 -25.20
C THR A 228 17.52 -22.03 -24.71
N LEU A 229 17.12 -21.12 -25.61
CA LEU A 229 16.01 -20.15 -25.34
C LEU A 229 14.57 -20.56 -25.79
N ASP A 230 14.44 -21.67 -26.49
CA ASP A 230 13.13 -22.12 -26.95
C ASP A 230 13.19 -23.61 -26.77
N PHE A 231 12.10 -24.19 -26.30
CA PHE A 231 12.01 -25.62 -25.99
C PHE A 231 11.72 -26.42 -27.27
N TYR A 232 10.99 -25.81 -28.20
CA TYR A 232 10.52 -26.56 -29.41
C TYR A 232 11.57 -26.40 -30.53
N GLU A 233 11.45 -25.34 -31.34
CA GLU A 233 12.41 -25.11 -32.43
C GLU A 233 13.85 -24.90 -31.90
N GLY A 234 13.96 -24.30 -30.72
CA GLY A 234 15.30 -24.14 -30.09
C GLY A 234 15.96 -25.45 -29.66
N GLN A 235 15.20 -26.54 -29.56
CA GLN A 235 15.81 -27.85 -29.21
C GLN A 235 15.61 -28.92 -30.30
N GLY A 236 15.18 -28.49 -31.49
CA GLY A 236 15.10 -29.40 -32.62
C GLY A 236 13.91 -30.32 -32.58
N ARG A 237 12.86 -29.95 -31.84
CA ARG A 237 11.64 -30.75 -31.79
C ARG A 237 10.83 -30.63 -33.09
N LEU A 238 10.08 -31.68 -33.40
CA LEU A 238 9.15 -31.70 -34.55
C LEU A 238 7.68 -31.51 -34.16
N ASP A 239 7.41 -31.27 -32.88
CA ASP A 239 6.05 -31.24 -32.40
C ASP A 239 5.57 -29.85 -31.95
N GLY A 240 6.25 -28.79 -32.38
CA GLY A 240 5.78 -27.44 -32.00
C GLY A 240 4.61 -26.97 -32.87
N ALA A 241 4.16 -25.76 -32.61
CA ALA A 241 3.19 -25.08 -33.46
C ALA A 241 3.84 -24.66 -34.78
N LEU A 242 5.16 -24.57 -34.76
CA LEU A 242 6.03 -24.17 -35.87
C LEU A 242 7.22 -25.14 -35.94
N CYS A 243 7.65 -25.44 -37.15
CA CYS A 243 8.80 -26.31 -37.37
C CYS A 243 9.27 -26.09 -38.81
N SER A 244 10.43 -25.45 -38.97
CA SER A 244 10.89 -25.10 -40.31
C SER A 244 11.91 -26.10 -40.88
N TYR A 245 12.17 -27.19 -40.15
CA TYR A 245 13.22 -28.16 -40.51
C TYR A 245 12.73 -29.60 -40.56
N THR A 246 13.58 -30.49 -41.05
CA THR A 246 13.22 -31.89 -41.24
C THR A 246 13.76 -32.75 -40.11
N GLU A 247 13.21 -33.97 -40.00
CA GLU A 247 13.72 -34.98 -39.11
C GLU A 247 15.22 -35.24 -39.27
N LYS A 248 15.69 -35.28 -40.53
CA LYS A 248 17.11 -35.49 -40.82
C LYS A 248 17.98 -34.31 -40.36
N ASP A 249 17.47 -33.08 -40.55
CA ASP A 249 18.12 -31.84 -40.08
C ASP A 249 18.33 -31.81 -38.58
N LYS A 250 17.30 -32.14 -37.83
CA LYS A 250 17.44 -32.03 -36.37
C LYS A 250 18.30 -33.17 -35.84
N GLN A 251 18.20 -34.34 -36.47
CA GLN A 251 19.05 -35.48 -36.10
C GLN A 251 20.55 -35.19 -36.29
N ALA A 252 20.90 -34.55 -37.40
CA ALA A 252 22.29 -34.09 -37.62
C ALA A 252 22.72 -33.09 -36.56
N TYR A 253 21.79 -32.19 -36.20
CA TYR A 253 22.07 -31.23 -35.13
C TYR A 253 22.32 -31.94 -33.78
N LEU A 254 21.48 -32.92 -33.42
CA LEU A 254 21.66 -33.59 -32.12
C LEU A 254 22.91 -34.43 -32.04
N GLU A 255 23.21 -35.08 -33.16
CA GLU A 255 24.49 -35.78 -33.33
C GLU A 255 25.73 -34.88 -33.21
N ALA A 256 25.69 -33.70 -33.80
CA ALA A 256 26.77 -32.75 -33.69
C ALA A 256 26.97 -32.32 -32.24
N ALA A 257 25.86 -32.14 -31.52
CA ALA A 257 25.93 -31.81 -30.08
C ALA A 257 26.63 -32.96 -29.31
N TYR A 258 26.19 -34.18 -29.54
CA TYR A 258 26.75 -35.37 -28.87
C TYR A 258 28.26 -35.45 -29.09
N ALA A 259 28.70 -35.31 -30.34
CA ALA A 259 30.14 -35.28 -30.67
C ALA A 259 30.91 -34.19 -29.94
N ALA A 260 30.30 -33.01 -29.74
CA ALA A 260 30.97 -32.01 -28.88
C ALA A 260 30.81 -32.24 -27.38
N GLY A 261 30.33 -33.41 -26.97
CA GLY A 261 30.31 -33.73 -25.53
C GLY A 261 29.01 -33.38 -24.82
N VAL A 262 28.03 -32.93 -25.60
CA VAL A 262 26.75 -32.57 -25.02
C VAL A 262 25.97 -33.86 -24.73
N ARG A 263 25.43 -33.97 -23.52
CA ARG A 263 24.64 -35.13 -23.11
C ARG A 263 23.18 -34.84 -22.71
N ASN A 264 22.86 -33.59 -22.40
CA ASN A 264 21.48 -33.24 -22.15
C ASN A 264 21.20 -31.78 -22.55
N ILE A 265 19.92 -31.44 -22.57
CA ILE A 265 19.46 -30.14 -23.07
C ILE A 265 18.42 -29.57 -22.13
N GLU A 266 18.60 -28.31 -21.73
CA GLU A 266 17.67 -27.69 -20.78
C GLU A 266 17.64 -26.18 -21.04
N MET A 267 17.11 -25.38 -20.11
CA MET A 267 16.88 -23.94 -20.39
C MET A 267 17.35 -22.91 -19.33
N GLU A 268 18.18 -23.32 -18.36
CA GLU A 268 18.64 -22.37 -17.32
C GLU A 268 20.15 -22.38 -17.07
N SER A 269 20.86 -23.39 -17.57
CA SER A 269 22.19 -23.66 -16.98
C SER A 269 23.27 -22.66 -17.35
N SER A 270 23.19 -22.04 -18.53
CA SER A 270 24.26 -21.13 -18.97
C SER A 270 24.33 -19.85 -18.09
N VAL A 271 23.20 -19.14 -17.91
CA VAL A 271 23.22 -17.94 -17.03
C VAL A 271 23.49 -18.29 -15.55
N PHE A 272 22.97 -19.41 -15.08
CA PHE A 272 23.23 -19.91 -13.73
C PHE A 272 24.75 -20.07 -13.47
N ALA A 273 25.44 -20.74 -14.40
CA ALA A 273 26.90 -20.96 -14.31
C ALA A 273 27.66 -19.64 -14.46
N ALA A 274 27.22 -18.78 -15.40
CA ALA A 274 27.90 -17.50 -15.61
C ALA A 274 27.81 -16.59 -14.36
N MET A 275 26.66 -16.55 -13.70
CA MET A 275 26.44 -15.63 -12.55
C MET A 275 27.00 -16.10 -11.21
N CYS A 276 26.91 -17.40 -10.94
CA CYS A 276 27.21 -17.92 -9.61
C CYS A 276 28.70 -17.85 -9.32
N SER A 277 29.51 -18.28 -10.28
CA SER A 277 30.97 -18.20 -10.18
C SER A 277 31.41 -16.76 -9.93
N ALA A 278 30.92 -15.82 -10.77
CA ALA A 278 31.24 -14.39 -10.65
C ALA A 278 30.96 -13.76 -9.27
N CYS A 279 30.04 -14.36 -8.52
CA CYS A 279 29.62 -13.85 -7.21
C CYS A 279 30.13 -14.62 -5.99
N GLY A 280 31.07 -15.54 -6.21
CA GLY A 280 31.69 -16.28 -5.10
C GLY A 280 30.95 -17.50 -4.62
N LEU A 281 30.03 -18.02 -5.43
CA LEU A 281 29.26 -19.19 -4.95
C LEU A 281 29.81 -20.41 -5.68
N GLN A 282 29.90 -21.55 -4.98
CA GLN A 282 30.25 -22.80 -5.65
C GLN A 282 28.95 -23.42 -6.19
N ALA A 283 28.92 -23.73 -7.47
CA ALA A 283 27.67 -24.09 -8.14
C ALA A 283 27.79 -25.41 -8.89
N ALA A 284 26.68 -26.15 -8.91
CA ALA A 284 26.56 -27.38 -9.70
C ALA A 284 25.17 -27.41 -10.32
N VAL A 285 25.01 -28.24 -11.35
CA VAL A 285 23.72 -28.48 -11.97
C VAL A 285 23.50 -30.00 -12.08
N VAL A 286 22.37 -30.47 -11.56
CA VAL A 286 22.08 -31.90 -11.58
C VAL A 286 20.68 -32.05 -12.20
N CYS A 287 20.60 -32.62 -13.40
CA CYS A 287 19.30 -32.79 -14.07
C CYS A 287 19.05 -34.25 -14.45
N VAL A 288 17.80 -34.68 -14.39
CA VAL A 288 17.47 -36.00 -14.86
C VAL A 288 16.97 -35.89 -16.32
N THR A 289 17.31 -36.87 -17.15
CA THR A 289 16.78 -36.92 -18.51
C THR A 289 15.41 -37.60 -18.52
N LEU A 290 14.44 -37.00 -19.21
CA LEU A 290 13.07 -37.59 -19.23
C LEU A 290 12.78 -38.39 -20.49
N LEU A 291 13.65 -38.25 -21.48
CA LEU A 291 13.59 -39.03 -22.72
C LEU A 291 14.91 -38.96 -23.44
N ASN A 292 15.09 -39.85 -24.43
CA ASN A 292 16.27 -39.78 -25.29
C ASN A 292 15.89 -39.08 -26.59
N ARG A 293 16.43 -37.87 -26.81
CA ARG A 293 15.99 -37.03 -27.95
C ARG A 293 16.38 -37.59 -29.33
N LEU A 294 17.37 -38.49 -29.35
CA LEU A 294 17.69 -39.18 -30.58
C LEU A 294 16.53 -40.08 -31.04
N GLU A 295 15.63 -40.43 -30.12
CA GLU A 295 14.50 -41.28 -30.43
C GLU A 295 13.15 -40.56 -30.52
N GLY A 296 13.10 -39.28 -30.17
CA GLY A 296 11.84 -38.54 -30.31
C GLY A 296 11.72 -37.39 -29.34
N ASP A 297 10.51 -36.85 -29.24
CA ASP A 297 10.26 -35.54 -28.61
C ASP A 297 9.32 -35.53 -27.41
N GLN A 298 8.43 -36.52 -27.33
CA GLN A 298 7.46 -36.59 -26.20
C GLN A 298 7.80 -37.78 -25.29
N ILE A 299 7.44 -37.65 -24.00
CA ILE A 299 7.74 -38.67 -23.01
C ILE A 299 6.82 -39.89 -23.18
N SER A 300 7.43 -41.08 -23.29
CA SER A 300 6.68 -42.34 -23.41
C SER A 300 6.84 -43.25 -22.19
N SER A 301 7.39 -42.69 -21.12
CA SER A 301 7.45 -43.35 -19.84
C SER A 301 6.07 -43.24 -19.18
N PRO A 302 5.54 -44.37 -18.64
CA PRO A 302 4.29 -44.28 -17.88
C PRO A 302 4.43 -43.34 -16.67
N ARG A 303 3.29 -42.84 -16.19
CA ARG A 303 3.21 -41.89 -15.08
C ARG A 303 4.02 -42.26 -13.82
N ASN A 304 3.95 -43.52 -13.37
CA ASN A 304 4.74 -43.92 -12.18
C ASN A 304 6.23 -43.82 -12.44
N VAL A 305 6.64 -44.20 -13.65
CA VAL A 305 8.05 -44.16 -14.02
C VAL A 305 8.54 -42.69 -14.12
N LEU A 306 7.73 -41.82 -14.68
CA LEU A 306 8.09 -40.40 -14.77
C LEU A 306 8.23 -39.75 -13.40
N SER A 307 7.31 -40.06 -12.48
CA SER A 307 7.36 -39.53 -11.13
C SER A 307 8.66 -39.96 -10.44
N GLU A 308 9.02 -41.21 -10.65
CA GLU A 308 10.31 -41.69 -10.15
C GLU A 308 11.51 -40.92 -10.73
N TYR A 309 11.57 -40.73 -12.03
CA TYR A 309 12.66 -39.96 -12.63
C TYR A 309 12.71 -38.56 -12.01
N GLN A 310 11.54 -37.95 -11.87
CA GLN A 310 11.45 -36.56 -11.42
C GLN A 310 12.02 -36.32 -10.03
N GLN A 311 12.08 -37.34 -9.19
CA GLN A 311 12.68 -37.16 -7.85
C GLN A 311 14.16 -37.57 -7.71
N ARG A 312 14.79 -38.02 -8.81
CA ARG A 312 16.18 -38.45 -8.75
C ARG A 312 17.16 -37.29 -8.39
N PRO A 313 17.08 -36.11 -9.09
CA PRO A 313 17.97 -35.00 -8.67
C PRO A 313 17.75 -34.62 -7.18
N GLN A 314 16.49 -34.52 -6.73
CA GLN A 314 16.18 -34.24 -5.30
C GLN A 314 16.83 -35.30 -4.37
N ARG A 315 16.70 -36.56 -4.76
CA ARG A 315 17.29 -37.68 -3.98
C ARG A 315 18.80 -37.50 -3.80
N LEU A 316 19.52 -37.25 -4.89
CA LEU A 316 20.99 -37.12 -4.90
C LEU A 316 21.44 -35.94 -4.03
N VAL A 317 20.79 -34.79 -4.30
CA VAL A 317 21.19 -33.56 -3.63
C VAL A 317 20.86 -33.54 -2.15
N SER A 318 19.67 -33.99 -1.76
CA SER A 318 19.33 -34.10 -0.35
C SER A 318 20.26 -35.10 0.41
N TYR A 319 20.61 -36.20 -0.24
CA TYR A 319 21.63 -37.14 0.27
C TYR A 319 22.98 -36.43 0.44
N PHE A 320 23.42 -35.70 -0.58
CA PHE A 320 24.67 -34.91 -0.55
C PHE A 320 24.71 -33.90 0.60
N ILE A 321 23.61 -33.15 0.76
CA ILE A 321 23.52 -32.16 1.86
C ILE A 321 23.65 -32.81 3.24
N LYS A 322 22.86 -33.86 3.48
CA LYS A 322 22.91 -34.64 4.74
C LYS A 322 24.31 -35.16 5.08
N LYS A 323 25.01 -35.63 4.06
CA LYS A 323 26.38 -36.05 4.18
C LYS A 323 27.25 -34.92 4.69
N LYS A 324 27.11 -33.73 4.08
CA LYS A 324 27.90 -32.55 4.45
C LYS A 324 27.60 -32.09 5.87
N LEU A 325 26.34 -32.15 6.25
CA LEU A 325 25.91 -31.75 7.58
C LEU A 325 26.09 -32.86 8.64
N SER A 326 26.54 -34.04 8.20
CA SER A 326 26.84 -35.13 9.13
C SER A 326 28.23 -34.92 9.71
N ASP B 34 -13.75 -15.87 -42.25
CA ASP B 34 -13.63 -16.56 -40.93
C ASP B 34 -12.39 -17.42 -40.84
N CYS B 35 -11.50 -16.99 -39.96
CA CYS B 35 -10.08 -17.32 -40.00
C CYS B 35 -9.70 -18.35 -38.93
N PRO B 36 -9.46 -19.61 -39.34
CA PRO B 36 -9.14 -20.62 -38.33
C PRO B 36 -7.73 -20.43 -37.83
N VAL B 37 -7.46 -20.87 -36.61
CA VAL B 37 -6.07 -20.94 -36.14
C VAL B 37 -5.30 -21.93 -37.03
N ARG B 38 -4.08 -21.57 -37.42
CA ARG B 38 -3.26 -22.43 -38.29
C ARG B 38 -1.95 -22.82 -37.61
N LEU B 39 -1.40 -23.99 -37.98
CA LEU B 39 -0.06 -24.37 -37.56
C LEU B 39 0.91 -24.30 -38.72
N LEU B 40 2.18 -24.03 -38.44
CA LEU B 40 3.18 -24.12 -39.49
C LEU B 40 4.10 -25.33 -39.26
N ASN B 41 3.48 -26.50 -39.20
CA ASN B 41 4.17 -27.73 -38.85
C ASN B 41 3.45 -28.96 -39.41
N PRO B 42 3.98 -29.53 -40.51
CA PRO B 42 3.41 -30.69 -41.23
C PRO B 42 3.36 -31.99 -40.38
N ASN B 43 4.25 -32.08 -39.40
CA ASN B 43 4.38 -33.25 -38.53
C ASN B 43 3.22 -33.49 -37.61
N ILE B 44 2.40 -32.46 -37.38
CA ILE B 44 1.32 -32.54 -36.41
C ILE B 44 0.22 -33.51 -36.91
N ALA B 45 -0.10 -33.44 -38.19
CA ALA B 45 -1.11 -34.32 -38.82
C ALA B 45 -0.74 -35.82 -38.76
N LYS B 46 0.56 -36.12 -38.69
CA LYS B 46 1.09 -37.48 -38.66
C LYS B 46 1.14 -38.10 -37.26
N MET B 47 0.86 -37.29 -36.24
CA MET B 47 0.82 -37.77 -34.86
C MET B 47 -0.54 -38.36 -34.56
N LYS B 48 -0.53 -39.46 -33.83
CA LYS B 48 -1.73 -40.16 -33.39
C LYS B 48 -2.35 -39.42 -32.22
N GLU B 49 -1.51 -39.02 -31.26
CA GLU B 49 -1.97 -38.19 -30.15
C GLU B 49 -0.90 -37.15 -29.83
N ASP B 50 -1.30 -36.11 -29.08
CA ASP B 50 -0.35 -35.05 -28.71
C ASP B 50 -0.56 -34.69 -27.22
N ILE B 51 0.55 -34.62 -26.48
CA ILE B 51 0.48 -34.25 -25.07
C ILE B 51 0.97 -32.79 -24.92
N LEU B 52 0.13 -31.91 -24.38
CA LEU B 52 0.55 -30.53 -24.13
C LEU B 52 1.15 -30.55 -22.75
N TYR B 53 2.43 -30.90 -22.69
CA TYR B 53 3.08 -31.30 -21.42
C TYR B 53 2.89 -30.25 -20.31
N HIS B 54 3.04 -28.97 -20.68
CA HIS B 54 3.11 -27.93 -19.66
C HIS B 54 1.72 -27.42 -19.20
N PHE B 55 0.67 -27.88 -19.87
CA PHE B 55 -0.73 -27.71 -19.41
C PHE B 55 -1.31 -28.97 -18.74
N ASN B 56 -0.57 -30.08 -18.78
CA ASN B 56 -1.09 -31.37 -18.31
C ASN B 56 -2.42 -31.75 -19.02
N LEU B 57 -2.48 -31.54 -20.33
CA LEU B 57 -3.63 -31.90 -21.15
C LEU B 57 -3.13 -32.77 -22.27
N THR B 58 -3.95 -33.73 -22.72
CA THR B 58 -3.58 -34.54 -23.88
C THR B 58 -4.77 -34.73 -24.77
N THR B 59 -4.51 -35.00 -26.05
CA THR B 59 -5.59 -35.12 -27.03
C THR B 59 -6.34 -36.46 -26.91
N SER B 60 -5.79 -37.42 -26.17
CA SER B 60 -6.46 -38.72 -26.05
C SER B 60 -7.43 -38.66 -24.89
N ARG B 61 -7.07 -37.87 -23.88
CA ARG B 61 -7.86 -37.77 -22.67
C ARG B 61 -8.80 -36.57 -22.62
N HIS B 62 -8.69 -35.63 -23.56
CA HIS B 62 -9.55 -34.43 -23.51
C HIS B 62 -10.19 -34.14 -24.89
N ASN B 63 -11.52 -33.94 -24.90
CA ASN B 63 -12.28 -33.58 -26.14
C ASN B 63 -12.10 -32.08 -26.40
N PHE B 64 -11.06 -31.72 -27.15
CA PHE B 64 -10.67 -30.31 -27.34
C PHE B 64 -11.74 -29.48 -28.07
N PRO B 65 -12.34 -30.01 -29.17
CA PRO B 65 -13.46 -29.28 -29.77
C PRO B 65 -14.59 -28.95 -28.79
N ALA B 66 -15.06 -29.92 -28.00
CA ALA B 66 -16.14 -29.62 -27.05
C ALA B 66 -15.70 -28.64 -25.96
N LEU B 67 -14.48 -28.84 -25.46
CA LEU B 67 -14.00 -28.08 -24.30
C LEU B 67 -13.69 -26.62 -24.65
N PHE B 68 -13.03 -26.38 -25.78
CA PHE B 68 -12.48 -25.06 -26.04
C PHE B 68 -13.01 -24.45 -27.31
N GLY B 69 -13.87 -25.20 -28.04
CA GLY B 69 -14.31 -24.78 -29.37
C GLY B 69 -14.94 -23.39 -29.41
N ASP B 70 -15.51 -22.93 -28.30
CA ASP B 70 -16.15 -21.60 -28.28
C ASP B 70 -15.21 -20.42 -28.02
N VAL B 71 -13.94 -20.69 -27.81
CA VAL B 71 -12.99 -19.62 -27.47
C VAL B 71 -12.84 -18.60 -28.59
N LYS B 72 -13.06 -17.33 -28.24
CA LYS B 72 -12.86 -16.20 -29.19
C LYS B 72 -11.84 -15.16 -28.73
N PHE B 73 -11.60 -15.12 -27.43
CA PHE B 73 -10.61 -14.19 -26.86
C PHE B 73 -9.72 -14.95 -25.89
N VAL B 74 -8.44 -14.65 -25.96
CA VAL B 74 -7.50 -15.27 -25.04
C VAL B 74 -6.72 -14.14 -24.41
N CYS B 75 -6.69 -14.05 -23.09
CA CYS B 75 -5.87 -13.00 -22.44
C CYS B 75 -4.69 -13.70 -21.73
N VAL B 76 -3.48 -13.21 -21.95
CA VAL B 76 -2.29 -13.86 -21.35
C VAL B 76 -1.48 -12.83 -20.51
N GLY B 77 -0.85 -13.27 -19.44
CA GLY B 77 -0.02 -12.35 -18.64
C GLY B 77 0.86 -13.19 -17.75
N GLY B 78 1.76 -12.51 -17.04
CA GLY B 78 2.86 -13.25 -16.37
C GLY B 78 2.36 -14.00 -15.13
N SER B 79 1.55 -13.34 -14.31
CA SER B 79 1.22 -13.81 -12.98
C SER B 79 -0.08 -14.63 -12.96
N PRO B 80 -0.06 -15.87 -12.39
CA PRO B 80 -1.31 -16.65 -12.27
C PRO B 80 -2.38 -15.94 -11.42
N SER B 81 -1.97 -15.26 -10.36
CA SER B 81 -2.99 -14.58 -9.58
C SER B 81 -3.61 -13.41 -10.36
N ARG B 82 -2.84 -12.73 -11.23
CA ARG B 82 -3.44 -11.68 -12.07
C ARG B 82 -4.40 -12.32 -13.08
N MET B 83 -4.02 -13.47 -13.62
CA MET B 83 -4.85 -14.08 -14.65
C MET B 83 -6.18 -14.63 -14.05
N LYS B 84 -6.11 -15.10 -12.81
CA LYS B 84 -7.33 -15.50 -12.10
C LYS B 84 -8.20 -14.25 -11.83
N ALA B 85 -7.60 -13.14 -11.37
CA ALA B 85 -8.34 -11.90 -11.14
C ALA B 85 -9.00 -11.46 -12.44
N PHE B 86 -8.26 -11.62 -13.55
CA PHE B 86 -8.76 -11.22 -14.86
C PHE B 86 -10.03 -11.99 -15.24
N ILE B 87 -9.98 -13.30 -15.06
CA ILE B 87 -11.15 -14.10 -15.47
C ILE B 87 -12.37 -13.72 -14.64
N ARG B 88 -12.15 -13.46 -13.34
CA ARG B 88 -13.24 -13.06 -12.42
C ARG B 88 -13.81 -11.73 -12.89
N CYS B 89 -12.93 -10.81 -13.27
CA CYS B 89 -13.32 -9.51 -13.78
C CYS B 89 -14.14 -9.62 -15.08
N VAL B 90 -13.62 -10.33 -16.08
CA VAL B 90 -14.29 -10.39 -17.36
C VAL B 90 -15.60 -11.18 -17.22
N GLY B 91 -15.62 -12.14 -16.29
CA GLY B 91 -16.84 -12.98 -16.02
C GLY B 91 -17.99 -12.07 -15.55
N ALA B 92 -17.68 -11.17 -14.62
CA ALA B 92 -18.65 -10.17 -14.13
C ALA B 92 -19.13 -9.24 -15.25
N GLU B 93 -18.23 -8.67 -16.05
CA GLU B 93 -18.59 -7.88 -17.22
C GLU B 93 -19.59 -8.58 -18.16
N LEU B 94 -19.43 -9.88 -18.33
CA LEU B 94 -20.21 -10.61 -19.31
C LEU B 94 -21.54 -11.13 -18.76
N GLY B 95 -21.73 -10.94 -17.46
CA GLY B 95 -22.90 -11.42 -16.72
C GLY B 95 -22.87 -12.92 -16.51
N LEU B 96 -21.66 -13.48 -16.43
CA LEU B 96 -21.46 -14.91 -16.27
C LEU B 96 -20.92 -15.26 -14.91
N ASP B 97 -20.87 -14.28 -14.01
CA ASP B 97 -20.24 -14.49 -12.71
C ASP B 97 -21.06 -15.37 -11.74
N CYS B 98 -20.34 -16.26 -11.06
CA CYS B 98 -20.89 -17.21 -10.09
C CYS B 98 -20.44 -16.82 -8.70
N PRO B 99 -21.16 -15.89 -8.03
CA PRO B 99 -20.79 -15.52 -6.66
C PRO B 99 -20.65 -16.76 -5.75
N GLY B 100 -19.46 -16.97 -5.21
CA GLY B 100 -19.24 -18.10 -4.32
C GLY B 100 -18.72 -19.37 -4.97
N ARG B 101 -18.53 -19.34 -6.29
CA ARG B 101 -17.81 -20.43 -6.96
C ARG B 101 -16.39 -20.02 -7.41
N ASP B 102 -15.42 -20.88 -7.05
CA ASP B 102 -14.02 -20.86 -7.56
C ASP B 102 -13.99 -20.99 -9.10
N TYR B 103 -13.15 -20.22 -9.78
CA TYR B 103 -12.87 -20.55 -11.19
C TYR B 103 -11.83 -21.68 -11.13
N PRO B 104 -12.17 -22.86 -11.69
CA PRO B 104 -11.16 -23.94 -11.60
C PRO B 104 -9.95 -23.71 -12.52
N ASN B 105 -8.76 -24.01 -12.03
CA ASN B 105 -7.58 -24.07 -12.89
C ASN B 105 -7.62 -25.28 -13.85
N ILE B 106 -7.70 -24.99 -15.14
CA ILE B 106 -7.78 -26.06 -16.13
C ILE B 106 -6.49 -26.91 -16.19
N CYS B 107 -5.38 -26.30 -15.79
CA CYS B 107 -4.07 -26.96 -15.71
C CYS B 107 -3.76 -27.65 -14.37
N ALA B 108 -4.76 -27.88 -13.51
CA ALA B 108 -4.54 -28.61 -12.24
C ALA B 108 -3.76 -29.89 -12.54
N GLY B 109 -2.80 -30.21 -11.68
CA GLY B 109 -1.96 -31.36 -11.96
C GLY B 109 -0.56 -30.95 -12.37
N THR B 110 -0.40 -29.71 -12.85
CA THR B 110 0.93 -29.13 -13.09
C THR B 110 1.01 -27.76 -12.44
N ASP B 111 2.21 -27.27 -12.17
CA ASP B 111 2.34 -25.87 -11.76
C ASP B 111 3.15 -24.98 -12.72
N ARG B 112 3.30 -25.44 -13.97
CA ARG B 112 4.05 -24.65 -14.99
C ARG B 112 3.30 -23.35 -15.42
N TYR B 113 1.99 -23.49 -15.63
CA TYR B 113 1.11 -22.37 -16.04
C TYR B 113 -0.28 -22.64 -15.42
N ALA B 114 -1.06 -21.58 -15.30
CA ALA B 114 -2.46 -21.73 -14.90
C ALA B 114 -3.32 -21.24 -16.04
N MET B 115 -4.55 -21.76 -16.11
CA MET B 115 -5.48 -21.40 -17.17
C MET B 115 -6.91 -21.41 -16.63
N TYR B 116 -7.69 -20.40 -17.02
CA TYR B 116 -9.08 -20.26 -16.55
C TYR B 116 -9.95 -19.92 -17.74
N LYS B 117 -11.27 -20.20 -17.59
CA LYS B 117 -12.20 -20.01 -18.70
C LYS B 117 -13.54 -19.50 -18.19
N VAL B 118 -14.11 -18.54 -18.93
CA VAL B 118 -15.50 -18.16 -18.70
C VAL B 118 -16.11 -17.87 -20.10
N GLY B 119 -17.15 -18.64 -20.44
CA GLY B 119 -17.75 -18.54 -21.78
C GLY B 119 -16.67 -18.59 -22.85
N PRO B 120 -16.66 -17.61 -23.79
CA PRO B 120 -15.71 -17.64 -24.89
C PRO B 120 -14.35 -17.02 -24.57
N VAL B 121 -14.04 -16.83 -23.29
CA VAL B 121 -12.76 -16.18 -22.92
C VAL B 121 -11.87 -17.17 -22.09
N LEU B 122 -10.60 -17.29 -22.50
CA LEU B 122 -9.56 -18.06 -21.83
C LEU B 122 -8.53 -17.08 -21.25
N SER B 123 -8.04 -17.37 -20.04
CA SER B 123 -7.02 -16.55 -19.38
C SER B 123 -5.88 -17.53 -19.05
N VAL B 124 -4.64 -17.21 -19.44
CA VAL B 124 -3.52 -18.16 -19.27
C VAL B 124 -2.31 -17.40 -18.73
N SER B 125 -1.64 -17.94 -17.71
CA SER B 125 -0.40 -17.30 -17.20
C SER B 125 0.76 -17.71 -18.09
N HIS B 126 1.83 -16.92 -18.05
CA HIS B 126 2.95 -17.26 -18.88
C HIS B 126 4.34 -17.16 -18.21
N GLY B 127 4.39 -16.80 -16.92
CA GLY B 127 5.67 -16.64 -16.19
C GLY B 127 6.43 -15.45 -16.83
N MET B 128 7.72 -15.38 -16.61
CA MET B 128 8.51 -14.22 -17.02
C MET B 128 9.57 -14.60 -18.08
N GLY B 129 9.53 -13.89 -19.22
CA GLY B 129 10.59 -13.97 -20.22
C GLY B 129 10.19 -14.68 -21.49
N ILE B 130 10.92 -14.39 -22.56
CA ILE B 130 10.70 -15.03 -23.86
C ILE B 130 10.57 -16.59 -23.86
N PRO B 131 11.51 -17.31 -23.20
CA PRO B 131 11.37 -18.76 -23.25
C PRO B 131 10.08 -19.25 -22.59
N SER B 132 9.67 -18.63 -21.48
CA SER B 132 8.51 -19.10 -20.70
C SER B 132 7.24 -18.86 -21.49
N ILE B 133 7.11 -17.70 -22.08
CA ILE B 133 5.90 -17.42 -22.90
C ILE B 133 5.93 -18.24 -24.20
N SER B 134 7.14 -18.52 -24.71
CA SER B 134 7.29 -19.28 -25.95
C SER B 134 6.70 -20.68 -25.79
N ILE B 135 7.04 -21.35 -24.67
CA ILE B 135 6.48 -22.66 -24.41
C ILE B 135 4.97 -22.64 -24.35
N MET B 136 4.44 -21.68 -23.59
CA MET B 136 3.02 -21.54 -23.44
C MET B 136 2.35 -21.33 -24.80
N LEU B 137 2.89 -20.43 -25.63
CA LEU B 137 2.28 -20.13 -26.96
C LEU B 137 2.31 -21.33 -27.92
N HIS B 138 3.39 -22.11 -27.94
CA HIS B 138 3.37 -23.33 -28.81
C HIS B 138 2.18 -24.23 -28.40
N GLU B 139 2.03 -24.46 -27.09
CA GLU B 139 0.96 -25.39 -26.61
C GLU B 139 -0.44 -24.79 -26.73
N LEU B 140 -0.56 -23.50 -26.41
CA LEU B 140 -1.84 -22.79 -26.56
C LEU B 140 -2.30 -22.82 -28.03
N ILE B 141 -1.40 -22.44 -28.95
CA ILE B 141 -1.74 -22.43 -30.41
C ILE B 141 -2.14 -23.85 -30.92
N LYS B 142 -1.41 -24.87 -30.48
CA LYS B 142 -1.89 -26.25 -30.69
C LYS B 142 -3.27 -26.55 -30.11
N LEU B 143 -3.53 -26.19 -28.84
CA LEU B 143 -4.83 -26.38 -28.21
C LEU B 143 -5.96 -25.77 -29.07
N LEU B 144 -5.76 -24.51 -29.49
CA LEU B 144 -6.76 -23.73 -30.26
C LEU B 144 -6.96 -24.38 -31.63
N TYR B 145 -5.88 -24.93 -32.18
CA TYR B 145 -5.96 -25.67 -33.42
C TYR B 145 -6.80 -26.97 -33.25
N TYR B 146 -6.47 -27.77 -32.23
CA TYR B 146 -7.21 -29.01 -31.94
C TYR B 146 -8.68 -28.72 -31.62
N ALA B 147 -8.95 -27.57 -30.99
CA ALA B 147 -10.31 -27.24 -30.65
C ALA B 147 -11.15 -26.73 -31.84
N ARG B 148 -10.49 -26.51 -32.97
CA ARG B 148 -11.10 -25.97 -34.19
C ARG B 148 -11.66 -24.55 -33.98
N CYS B 149 -10.87 -23.73 -33.26
CA CYS B 149 -11.22 -22.33 -33.01
C CYS B 149 -10.97 -21.48 -34.22
N SER B 150 -11.74 -20.40 -34.37
CA SER B 150 -11.54 -19.49 -35.48
C SER B 150 -11.81 -18.06 -35.01
N ASN B 151 -11.18 -17.11 -35.68
CA ASN B 151 -11.42 -15.69 -35.40
C ASN B 151 -11.05 -15.39 -33.96
N VAL B 152 -9.92 -15.94 -33.54
CA VAL B 152 -9.46 -15.77 -32.17
C VAL B 152 -8.63 -14.46 -32.04
N THR B 153 -8.84 -13.74 -30.95
CA THR B 153 -8.09 -12.53 -30.66
C THR B 153 -7.32 -12.88 -29.39
N ILE B 154 -6.06 -12.50 -29.34
CA ILE B 154 -5.21 -12.78 -28.18
C ILE B 154 -4.53 -11.50 -27.72
N ILE B 155 -4.63 -11.22 -26.44
CA ILE B 155 -4.10 -9.98 -25.93
C ILE B 155 -3.25 -10.25 -24.70
N ARG B 156 -2.01 -9.77 -24.73
CA ARG B 156 -1.17 -9.83 -23.57
C ARG B 156 -1.45 -8.60 -22.70
N ILE B 157 -1.67 -8.84 -21.41
CA ILE B 157 -1.69 -7.76 -20.41
C ILE B 157 -0.47 -7.91 -19.54
N GLY B 158 0.11 -6.81 -19.11
CA GLY B 158 1.33 -6.90 -18.31
C GLY B 158 1.79 -5.57 -17.72
N THR B 159 2.99 -5.57 -17.11
CA THR B 159 3.55 -4.39 -16.47
C THR B 159 4.79 -4.07 -17.31
N SER B 160 5.35 -2.89 -17.09
CA SER B 160 6.45 -2.43 -17.93
C SER B 160 7.15 -1.30 -17.24
N GLY B 161 8.39 -1.01 -17.68
CA GLY B 161 9.08 0.21 -17.26
C GLY B 161 8.77 1.29 -18.33
N GLY B 162 8.30 2.47 -17.89
CA GLY B 162 7.95 3.55 -18.81
C GLY B 162 9.22 4.30 -19.21
N ILE B 163 9.21 4.94 -20.39
CA ILE B 163 10.29 5.89 -20.79
C ILE B 163 9.64 7.23 -21.20
N GLY B 164 9.82 8.24 -20.35
CA GLY B 164 9.19 9.55 -20.55
C GLY B 164 7.66 9.54 -20.48
N LEU B 165 7.10 8.59 -19.73
CA LEU B 165 5.66 8.58 -19.42
C LEU B 165 5.48 8.68 -17.93
N GLU B 166 4.40 9.29 -17.48
CA GLU B 166 4.03 9.27 -16.05
C GLU B 166 3.80 7.80 -15.61
N PRO B 167 4.20 7.45 -14.37
CA PRO B 167 3.83 6.13 -13.81
C PRO B 167 2.32 5.87 -13.90
N GLY B 168 1.95 4.63 -14.25
CA GLY B 168 0.55 4.22 -14.36
C GLY B 168 -0.09 4.47 -15.73
N THR B 169 0.69 4.98 -16.68
CA THR B 169 0.21 5.18 -18.07
C THR B 169 0.02 3.81 -18.72
N VAL B 170 -1.09 3.61 -19.42
CA VAL B 170 -1.26 2.34 -20.15
C VAL B 170 -0.80 2.54 -21.60
N VAL B 171 0.07 1.62 -22.06
CA VAL B 171 0.65 1.63 -23.41
C VAL B 171 0.03 0.51 -24.21
N ILE B 172 -0.63 0.91 -25.30
CA ILE B 172 -1.09 -0.05 -26.30
C ILE B 172 0.05 -0.13 -27.30
N THR B 173 0.67 -1.30 -27.43
CA THR B 173 1.88 -1.44 -28.21
C THR B 173 1.57 -1.35 -29.71
N GLU B 174 2.28 -0.45 -30.40
CA GLU B 174 2.20 -0.34 -31.88
C GLU B 174 3.07 -1.38 -32.54
N GLN B 175 4.37 -1.32 -32.24
CA GLN B 175 5.36 -2.32 -32.68
C GLN B 175 6.16 -2.81 -31.47
N ALA B 176 6.38 -4.11 -31.42
CA ALA B 176 7.27 -4.69 -30.42
C ALA B 176 8.68 -4.68 -31.06
N VAL B 177 9.59 -3.99 -30.40
CA VAL B 177 10.93 -3.80 -30.96
C VAL B 177 12.03 -4.44 -30.14
N ASP B 178 13.20 -4.62 -30.76
CA ASP B 178 14.35 -5.19 -30.09
C ASP B 178 15.26 -4.08 -29.55
N THR B 179 16.43 -4.47 -29.04
CA THR B 179 17.38 -3.52 -28.40
C THR B 179 18.11 -2.58 -29.38
N CYS B 180 17.82 -2.76 -30.65
CA CYS B 180 18.27 -1.85 -31.70
C CYS B 180 17.13 -0.89 -32.00
N PHE B 181 15.99 -1.14 -31.37
CA PHE B 181 14.77 -0.41 -31.56
C PHE B 181 14.07 -0.75 -32.90
N LYS B 182 14.31 -1.94 -33.45
CA LYS B 182 13.68 -2.44 -34.69
C LYS B 182 12.63 -3.57 -34.50
N ALA B 183 11.60 -3.59 -35.36
CA ALA B 183 10.48 -4.54 -35.24
C ALA B 183 10.81 -5.95 -35.75
N GLU B 184 11.77 -6.59 -35.07
CA GLU B 184 12.29 -7.93 -35.42
C GLU B 184 12.53 -8.77 -34.17
N PHE B 185 12.36 -10.10 -34.29
CA PHE B 185 12.64 -11.09 -33.23
C PHE B 185 13.60 -12.13 -33.87
N GLU B 186 14.79 -12.25 -33.28
CA GLU B 186 15.82 -13.23 -33.67
C GLU B 186 15.81 -14.42 -32.69
N GLN B 187 15.85 -15.63 -33.26
CA GLN B 187 15.98 -16.87 -32.49
C GLN B 187 17.04 -17.78 -33.13
N ILE B 188 17.54 -18.73 -32.35
CA ILE B 188 18.48 -19.74 -32.88
C ILE B 188 17.70 -21.01 -33.16
N VAL B 189 17.77 -21.52 -34.39
CA VAL B 189 17.11 -22.77 -34.80
C VAL B 189 18.21 -23.71 -35.35
N LEU B 190 18.42 -24.86 -34.69
CA LEU B 190 19.52 -25.80 -35.05
C LEU B 190 20.88 -25.09 -35.19
N GLY B 191 21.21 -24.24 -34.22
CA GLY B 191 22.49 -23.54 -34.19
C GLY B 191 22.65 -22.36 -35.16
N LYS B 192 21.56 -21.97 -35.81
CA LYS B 192 21.53 -20.94 -36.86
C LYS B 192 20.60 -19.74 -36.51
N ARG B 193 21.08 -18.50 -36.70
CA ARG B 193 20.22 -17.30 -36.48
C ARG B 193 19.11 -17.16 -37.49
N VAL B 194 17.90 -16.90 -36.99
CA VAL B 194 16.71 -16.72 -37.82
C VAL B 194 16.03 -15.44 -37.35
N ILE B 195 15.70 -14.57 -38.29
CA ILE B 195 15.07 -13.28 -37.98
C ILE B 195 13.62 -13.30 -38.42
N ARG B 196 12.71 -12.97 -37.51
CA ARG B 196 11.31 -12.87 -37.85
C ARG B 196 10.78 -11.48 -37.59
N LYS B 197 9.76 -11.10 -38.33
CA LYS B 197 9.13 -9.81 -38.14
C LYS B 197 8.16 -9.85 -36.97
N THR B 198 8.06 -8.73 -36.27
CA THR B 198 7.03 -8.62 -35.27
C THR B 198 5.83 -7.89 -35.87
N ASP B 199 4.66 -8.47 -35.67
CA ASP B 199 3.44 -7.95 -36.28
C ASP B 199 2.31 -7.98 -35.30
N LEU B 200 1.93 -6.81 -34.80
CA LEU B 200 0.70 -6.66 -34.01
C LEU B 200 -0.41 -6.08 -34.86
N ASN B 201 -1.61 -6.63 -34.72
CA ASN B 201 -2.69 -6.28 -35.61
C ASN B 201 -3.06 -4.80 -35.49
N LYS B 202 -2.96 -4.06 -36.60
CA LYS B 202 -3.22 -2.62 -36.62
C LYS B 202 -4.66 -2.28 -36.29
N LYS B 203 -5.61 -3.03 -36.85
CA LYS B 203 -7.00 -2.86 -36.48
C LYS B 203 -7.32 -3.03 -34.98
N LEU B 204 -6.72 -4.03 -34.32
CA LEU B 204 -7.01 -4.28 -32.89
C LEU B 204 -6.44 -3.14 -32.02
N VAL B 205 -5.29 -2.60 -32.39
CA VAL B 205 -4.68 -1.44 -31.69
C VAL B 205 -5.68 -0.25 -31.70
N GLN B 206 -6.22 0.00 -32.87
CA GLN B 206 -7.21 1.05 -33.07
C GLN B 206 -8.44 0.81 -32.23
N GLU B 207 -8.92 -0.44 -32.16
CA GLU B 207 -10.11 -0.72 -31.39
C GLU B 207 -9.85 -0.55 -29.90
N LEU B 208 -8.67 -0.96 -29.44
CA LEU B 208 -8.31 -0.76 -28.03
C LEU B 208 -8.15 0.72 -27.68
N LEU B 209 -7.57 1.49 -28.59
CA LEU B 209 -7.43 2.96 -28.42
C LEU B 209 -8.82 3.62 -28.32
N LEU B 210 -9.74 3.24 -29.19
CA LEU B 210 -11.13 3.78 -29.14
C LEU B 210 -11.85 3.42 -27.86
N CYS B 211 -11.63 2.19 -27.41
CA CYS B 211 -12.16 1.73 -26.14
C CYS B 211 -11.60 2.55 -25.00
N SER B 212 -10.30 2.84 -25.04
CA SER B 212 -9.67 3.56 -23.94
C SER B 212 -10.24 4.99 -23.86
N ALA B 213 -10.46 5.59 -25.02
CA ALA B 213 -10.98 6.98 -25.10
C ALA B 213 -12.43 7.05 -24.57
N GLU B 214 -13.18 6.00 -24.80
CA GLU B 214 -14.54 5.90 -24.27
C GLU B 214 -14.55 5.63 -22.75
N LEU B 215 -13.68 4.74 -22.28
CA LEU B 215 -13.59 4.47 -20.85
C LEU B 215 -13.17 5.70 -20.05
N SER B 216 -12.09 6.34 -20.50
CA SER B 216 -11.53 7.56 -19.92
C SER B 216 -11.28 7.43 -18.41
N GLU B 217 -10.64 6.33 -18.02
CA GLU B 217 -10.28 6.10 -16.60
C GLU B 217 -8.79 6.29 -16.31
N PHE B 218 -7.93 6.38 -17.35
CA PHE B 218 -6.52 6.61 -17.14
C PHE B 218 -5.82 7.05 -18.41
N THR B 219 -4.65 7.67 -18.26
CA THR B 219 -3.86 8.02 -19.43
C THR B 219 -3.51 6.76 -20.23
N THR B 220 -3.81 6.81 -21.54
CA THR B 220 -3.53 5.72 -22.49
C THR B 220 -2.81 6.30 -23.69
N VAL B 221 -1.65 5.71 -24.05
CA VAL B 221 -0.91 6.10 -25.25
C VAL B 221 -0.64 4.90 -26.20
N VAL B 222 -0.34 5.20 -27.46
CA VAL B 222 0.07 4.16 -28.39
C VAL B 222 1.55 4.42 -28.70
N GLY B 223 2.39 3.42 -28.53
CA GLY B 223 3.78 3.63 -28.89
C GLY B 223 4.51 2.30 -28.98
N ASN B 224 5.81 2.35 -29.23
CA ASN B 224 6.59 1.13 -29.38
C ASN B 224 7.06 0.63 -28.02
N THR B 225 7.27 -0.69 -27.96
CA THR B 225 7.57 -1.37 -26.73
C THR B 225 8.83 -2.14 -27.00
N MET B 226 9.89 -1.87 -26.25
CA MET B 226 11.14 -2.62 -26.42
C MET B 226 11.12 -3.89 -25.56
N CYS B 227 11.45 -5.02 -26.19
CA CYS B 227 11.42 -6.32 -25.52
C CYS B 227 12.89 -6.75 -25.34
N THR B 228 13.30 -6.94 -24.08
CA THR B 228 14.65 -7.40 -23.71
C THR B 228 14.62 -8.84 -23.14
N LEU B 229 15.76 -9.51 -23.19
CA LEU B 229 15.86 -10.86 -22.66
C LEU B 229 15.75 -10.83 -21.18
N ASP B 230 16.62 -10.05 -20.54
CA ASP B 230 16.75 -9.99 -19.08
C ASP B 230 16.24 -8.66 -18.48
N PHE B 231 16.17 -8.57 -17.14
CA PHE B 231 15.47 -7.46 -16.44
C PHE B 231 16.46 -6.46 -15.82
N TYR B 232 17.54 -6.99 -15.23
CA TYR B 232 18.48 -6.13 -14.48
C TYR B 232 19.44 -5.45 -15.47
N GLU B 233 20.53 -6.14 -15.86
CA GLU B 233 21.46 -5.57 -16.85
C GLU B 233 20.83 -5.50 -18.22
N GLY B 234 19.88 -6.40 -18.51
CA GLY B 234 19.19 -6.34 -19.80
C GLY B 234 18.34 -5.07 -20.01
N GLN B 235 17.97 -4.36 -18.93
CA GLN B 235 17.20 -3.11 -19.07
C GLN B 235 17.94 -1.89 -18.46
N GLY B 236 19.23 -2.08 -18.22
CA GLY B 236 20.12 -1.00 -17.75
C GLY B 236 19.85 -0.52 -16.33
N ARG B 237 19.32 -1.41 -15.46
CA ARG B 237 19.11 -1.07 -14.07
C ARG B 237 20.44 -1.00 -13.33
N LEU B 238 20.46 -0.25 -12.25
CA LEU B 238 21.66 -0.10 -11.46
C LEU B 238 21.59 -0.92 -10.18
N ASP B 239 20.55 -1.75 -10.02
CA ASP B 239 20.30 -2.40 -8.72
C ASP B 239 20.40 -3.94 -8.69
N GLY B 240 21.01 -4.52 -9.73
CA GLY B 240 21.21 -5.96 -9.80
C GLY B 240 22.38 -6.40 -8.93
N ALA B 241 22.57 -7.71 -8.83
CA ALA B 241 23.77 -8.23 -8.15
C ALA B 241 25.05 -7.86 -8.94
N LEU B 242 24.89 -7.70 -10.26
CA LEU B 242 25.93 -7.33 -11.20
C LEU B 242 25.53 -6.07 -11.95
N CYS B 243 26.50 -5.18 -12.18
CA CYS B 243 26.27 -3.98 -12.99
C CYS B 243 27.56 -3.48 -13.64
N SER B 244 27.60 -3.51 -14.96
CA SER B 244 28.84 -3.23 -15.70
C SER B 244 29.01 -1.80 -16.27
N TYR B 245 28.07 -0.89 -15.99
CA TYR B 245 27.97 0.44 -16.67
C TYR B 245 27.57 1.53 -15.66
N THR B 246 27.66 2.78 -16.10
CA THR B 246 27.36 3.94 -15.26
C THR B 246 25.91 4.41 -15.42
N GLU B 247 25.39 5.12 -14.42
CA GLU B 247 24.14 5.83 -14.54
C GLU B 247 24.06 6.67 -15.84
N LYS B 248 25.13 7.44 -16.13
CA LYS B 248 25.18 8.20 -17.38
C LYS B 248 24.99 7.37 -18.66
N ASP B 249 25.64 6.23 -18.70
CA ASP B 249 25.52 5.37 -19.87
C ASP B 249 24.13 4.76 -20.03
N LYS B 250 23.52 4.31 -18.92
CA LYS B 250 22.13 3.78 -19.04
C LYS B 250 21.14 4.90 -19.41
N GLN B 251 21.32 6.09 -18.84
CA GLN B 251 20.46 7.22 -19.17
C GLN B 251 20.50 7.57 -20.68
N ALA B 252 21.70 7.57 -21.28
CA ALA B 252 21.90 7.84 -22.71
C ALA B 252 21.21 6.79 -23.59
N TYR B 253 21.36 5.54 -23.17
CA TYR B 253 20.72 4.44 -23.88
C TYR B 253 19.18 4.55 -23.84
N LEU B 254 18.62 4.85 -22.65
CA LEU B 254 17.17 5.10 -22.51
C LEU B 254 16.70 6.30 -23.35
N GLU B 255 17.51 7.36 -23.39
CA GLU B 255 17.23 8.48 -24.26
C GLU B 255 17.25 8.12 -25.73
N ALA B 256 18.16 7.21 -26.14
CA ALA B 256 18.23 6.81 -27.55
C ALA B 256 17.00 5.97 -27.91
N ALA B 257 16.58 5.11 -26.97
CA ALA B 257 15.32 4.35 -27.13
C ALA B 257 14.12 5.30 -27.33
N TYR B 258 14.03 6.31 -26.48
CA TYR B 258 12.93 7.25 -26.54
C TYR B 258 12.93 8.00 -27.87
N ALA B 259 14.10 8.48 -28.29
CA ALA B 259 14.22 9.19 -29.57
C ALA B 259 13.72 8.30 -30.74
N ALA B 260 13.95 6.98 -30.62
CA ALA B 260 13.48 6.01 -31.61
C ALA B 260 11.99 5.55 -31.52
N GLY B 261 11.22 6.15 -30.62
CA GLY B 261 9.78 5.88 -30.51
C GLY B 261 9.39 4.90 -29.40
N VAL B 262 10.39 4.42 -28.65
CA VAL B 262 10.11 3.43 -27.58
C VAL B 262 9.50 4.22 -26.39
N ARG B 263 8.36 3.73 -25.88
CA ARG B 263 7.75 4.32 -24.70
C ARG B 263 7.69 3.40 -23.45
N ASN B 264 7.89 2.09 -23.66
CA ASN B 264 7.98 1.23 -22.52
C ASN B 264 8.82 0.00 -22.81
N ILE B 265 9.17 -0.67 -21.73
CA ILE B 265 10.13 -1.78 -21.78
C ILE B 265 9.54 -2.98 -21.03
N GLU B 266 9.50 -4.13 -21.71
CA GLU B 266 9.12 -5.34 -21.03
C GLU B 266 9.86 -6.57 -21.57
N MET B 267 9.34 -7.79 -21.32
CA MET B 267 10.17 -9.00 -21.57
C MET B 267 9.54 -10.11 -22.44
N GLU B 268 8.38 -9.86 -23.01
CA GLU B 268 7.73 -10.94 -23.80
C GLU B 268 7.11 -10.54 -25.13
N SER B 269 7.03 -9.23 -25.40
CA SER B 269 6.23 -8.79 -26.58
C SER B 269 6.75 -9.26 -27.96
N SER B 270 8.07 -9.33 -28.12
CA SER B 270 8.64 -9.65 -29.45
C SER B 270 8.24 -11.09 -29.93
N VAL B 271 8.49 -12.12 -29.09
CA VAL B 271 8.14 -13.48 -29.49
C VAL B 271 6.61 -13.71 -29.58
N PHE B 272 5.86 -13.07 -28.70
CA PHE B 272 4.37 -13.07 -28.74
C PHE B 272 3.89 -12.55 -30.10
N ALA B 273 4.38 -11.38 -30.52
CA ALA B 273 3.96 -10.79 -31.81
C ALA B 273 4.31 -11.70 -33.00
N ALA B 274 5.59 -12.15 -33.06
CA ALA B 274 6.10 -13.09 -34.09
C ALA B 274 5.28 -14.37 -34.22
N MET B 275 5.03 -15.07 -33.11
CA MET B 275 4.27 -16.34 -33.15
C MET B 275 2.77 -16.16 -33.49
N CYS B 276 2.12 -15.19 -32.85
CA CYS B 276 0.67 -15.05 -33.03
C CYS B 276 0.26 -14.74 -34.46
N SER B 277 0.97 -13.79 -35.09
CA SER B 277 0.77 -13.42 -36.48
C SER B 277 1.04 -14.58 -37.43
N ALA B 278 2.13 -15.33 -37.22
CA ALA B 278 2.39 -16.53 -37.99
C ALA B 278 1.22 -17.53 -38.01
N CYS B 279 0.52 -17.68 -36.88
CA CYS B 279 -0.47 -18.76 -36.71
C CYS B 279 -1.92 -18.31 -36.86
N GLY B 280 -2.11 -17.10 -37.37
CA GLY B 280 -3.45 -16.57 -37.69
C GLY B 280 -4.32 -16.08 -36.54
N LEU B 281 -3.68 -15.65 -35.44
CA LEU B 281 -4.38 -15.01 -34.33
C LEU B 281 -4.17 -13.51 -34.51
N GLN B 282 -5.17 -12.72 -34.19
CA GLN B 282 -5.04 -11.26 -34.15
C GLN B 282 -4.55 -10.93 -32.76
N ALA B 283 -3.37 -10.31 -32.67
CA ALA B 283 -2.76 -10.10 -31.38
C ALA B 283 -2.51 -8.64 -31.00
N ALA B 284 -2.54 -8.38 -29.70
CA ALA B 284 -2.20 -7.04 -29.16
C ALA B 284 -1.54 -7.14 -27.80
N VAL B 285 -0.82 -6.08 -27.43
CA VAL B 285 -0.14 -6.00 -26.13
C VAL B 285 -0.61 -4.71 -25.42
N VAL B 286 -1.08 -4.82 -24.18
CA VAL B 286 -1.54 -3.72 -23.39
C VAL B 286 -0.81 -3.85 -22.03
N CYS B 287 0.09 -2.90 -21.74
CA CYS B 287 0.84 -2.89 -20.48
C CYS B 287 0.71 -1.61 -19.74
N VAL B 288 0.85 -1.66 -18.41
CA VAL B 288 0.88 -0.42 -17.64
C VAL B 288 2.35 -0.12 -17.21
N THR B 289 2.71 1.14 -17.13
CA THR B 289 4.02 1.48 -16.67
C THR B 289 3.99 1.62 -15.14
N LEU B 290 4.98 1.04 -14.47
CA LEU B 290 5.02 1.10 -13.01
C LEU B 290 5.93 2.25 -12.51
N LEU B 291 6.75 2.77 -13.41
CA LEU B 291 7.67 3.90 -13.10
C LEU B 291 8.14 4.49 -14.40
N ASN B 292 8.77 5.65 -14.29
CA ASN B 292 9.46 6.25 -15.42
C ASN B 292 10.98 6.02 -15.28
N ARG B 293 11.55 5.20 -16.17
CA ARG B 293 12.96 4.79 -16.04
C ARG B 293 13.95 5.95 -16.22
N LEU B 294 13.51 7.04 -16.85
CA LEU B 294 14.34 8.24 -16.93
C LEU B 294 14.51 8.92 -15.56
N GLU B 295 13.69 8.54 -14.57
CA GLU B 295 13.84 9.03 -13.20
C GLU B 295 14.54 8.05 -12.25
N GLY B 296 14.86 6.84 -12.71
CA GLY B 296 15.37 5.79 -11.83
C GLY B 296 14.76 4.42 -11.99
N ASP B 297 15.17 3.48 -11.12
CA ASP B 297 14.86 2.08 -11.34
C ASP B 297 13.89 1.43 -10.35
N GLN B 298 13.64 2.06 -9.20
CA GLN B 298 12.65 1.47 -8.28
C GLN B 298 11.39 2.35 -8.14
N ILE B 299 10.30 1.71 -7.75
CA ILE B 299 8.97 2.28 -7.80
C ILE B 299 8.77 3.26 -6.64
N SER B 300 8.61 4.55 -6.93
CA SER B 300 8.36 5.53 -5.85
C SER B 300 6.90 5.53 -5.39
N SER B 301 6.01 4.98 -6.20
CA SER B 301 4.55 4.91 -5.92
C SER B 301 4.20 4.18 -4.60
N PRO B 302 3.32 4.78 -3.74
CA PRO B 302 2.90 3.94 -2.62
C PRO B 302 2.26 2.62 -3.12
N ARG B 303 2.35 1.58 -2.32
CA ARG B 303 1.86 0.27 -2.76
C ARG B 303 0.35 0.25 -3.03
N ASN B 304 -0.41 1.07 -2.30
CA ASN B 304 -1.84 1.16 -2.61
C ASN B 304 -2.08 1.70 -4.03
N VAL B 305 -1.28 2.69 -4.41
CA VAL B 305 -1.32 3.24 -5.78
C VAL B 305 -0.87 2.19 -6.83
N LEU B 306 0.17 1.43 -6.52
CA LEU B 306 0.68 0.46 -7.48
C LEU B 306 -0.38 -0.58 -7.74
N SER B 307 -1.12 -0.93 -6.70
CA SER B 307 -2.23 -1.87 -6.80
C SER B 307 -3.34 -1.38 -7.81
N GLU B 308 -3.69 -0.09 -7.73
CA GLU B 308 -4.61 0.52 -8.74
C GLU B 308 -4.01 0.47 -10.15
N TYR B 309 -2.73 0.81 -10.29
CA TYR B 309 -2.08 0.72 -11.61
C TYR B 309 -2.10 -0.69 -12.20
N GLN B 310 -1.85 -1.69 -11.36
CA GLN B 310 -1.75 -3.07 -11.84
C GLN B 310 -3.00 -3.60 -12.45
N GLN B 311 -4.13 -3.01 -12.07
CA GLN B 311 -5.47 -3.41 -12.49
C GLN B 311 -5.88 -2.71 -13.80
N ARG B 312 -5.13 -1.70 -14.24
CA ARG B 312 -5.53 -0.94 -15.44
C ARG B 312 -5.57 -1.73 -16.78
N PRO B 313 -4.53 -2.54 -17.14
CA PRO B 313 -4.72 -3.31 -18.38
C PRO B 313 -5.89 -4.28 -18.34
N GLN B 314 -6.08 -4.94 -17.20
CA GLN B 314 -7.27 -5.78 -16.98
C GLN B 314 -8.61 -5.02 -17.25
N ARG B 315 -8.69 -3.80 -16.71
CA ARG B 315 -9.88 -2.98 -16.83
C ARG B 315 -10.14 -2.71 -18.31
N LEU B 316 -9.12 -2.25 -19.03
CA LEU B 316 -9.25 -1.96 -20.49
C LEU B 316 -9.66 -3.17 -21.30
N VAL B 317 -9.00 -4.30 -21.06
CA VAL B 317 -9.23 -5.45 -21.96
C VAL B 317 -10.60 -6.12 -21.67
N SER B 318 -10.99 -6.19 -20.41
CA SER B 318 -12.30 -6.80 -20.04
C SER B 318 -13.43 -5.94 -20.63
N TYR B 319 -13.28 -4.63 -20.56
CA TYR B 319 -14.19 -3.68 -21.18
C TYR B 319 -14.29 -3.85 -22.71
N PHE B 320 -13.14 -3.91 -23.39
CA PHE B 320 -13.02 -4.22 -24.80
C PHE B 320 -13.76 -5.55 -25.18
N ILE B 321 -13.53 -6.60 -24.39
CA ILE B 321 -14.20 -7.88 -24.63
C ILE B 321 -15.75 -7.77 -24.49
N LYS B 322 -16.20 -7.13 -23.40
CA LYS B 322 -17.62 -6.83 -23.21
C LYS B 322 -18.25 -6.12 -24.43
N LYS B 323 -17.60 -5.07 -24.93
CA LYS B 323 -18.08 -4.35 -26.11
C LYS B 323 -18.16 -5.26 -27.32
N LYS B 324 -17.09 -6.01 -27.56
CA LYS B 324 -17.01 -6.90 -28.72
C LYS B 324 -18.09 -7.96 -28.70
N LEU B 325 -18.43 -8.48 -27.53
CA LEU B 325 -19.42 -9.55 -27.38
C LEU B 325 -20.86 -9.06 -27.17
N SER B 326 -21.05 -7.74 -27.04
CA SER B 326 -22.39 -7.20 -26.94
C SER B 326 -22.68 -6.31 -28.14
N ASP C 34 -4.02 3.20 46.21
CA ASP C 34 -3.17 4.38 46.55
C ASP C 34 -3.80 5.71 46.11
N CYS C 35 -3.15 6.35 45.14
CA CYS C 35 -3.33 7.76 44.82
C CYS C 35 -4.71 8.10 44.23
N PRO C 36 -5.53 8.91 44.96
CA PRO C 36 -6.82 9.33 44.37
C PRO C 36 -6.63 10.32 43.22
N VAL C 37 -7.45 10.18 42.20
CA VAL C 37 -7.63 11.26 41.24
C VAL C 37 -7.99 12.56 42.00
N ARG C 38 -7.29 13.64 41.69
CA ARG C 38 -7.55 14.93 42.28
C ARG C 38 -7.78 15.99 41.19
N LEU C 39 -8.49 17.05 41.57
CA LEU C 39 -8.67 18.22 40.71
C LEU C 39 -7.82 19.36 41.25
N LEU C 40 -7.65 20.40 40.44
CA LEU C 40 -6.97 21.60 40.94
C LEU C 40 -7.87 22.76 40.61
N ASN C 41 -9.05 22.72 41.19
CA ASN C 41 -10.11 23.70 40.99
C ASN C 41 -10.99 23.75 42.24
N PRO C 42 -10.83 24.80 43.07
CA PRO C 42 -11.67 24.92 44.28
C PRO C 42 -13.18 25.05 43.96
N ASN C 43 -13.50 25.70 42.84
CA ASN C 43 -14.89 25.96 42.45
C ASN C 43 -15.79 24.73 42.30
N ILE C 44 -15.21 23.55 42.02
CA ILE C 44 -15.98 22.30 41.83
C ILE C 44 -16.80 21.89 43.07
N ALA C 45 -16.23 22.08 44.26
CA ALA C 45 -16.91 21.81 45.54
C ALA C 45 -18.19 22.64 45.65
N LYS C 46 -18.08 23.91 45.29
CA LYS C 46 -19.17 24.85 45.37
C LYS C 46 -20.30 24.53 44.38
N MET C 47 -20.12 23.49 43.58
CA MET C 47 -21.12 23.18 42.56
C MET C 47 -22.21 22.25 43.03
N LYS C 48 -23.44 22.66 42.74
CA LYS C 48 -24.66 21.90 42.91
C LYS C 48 -24.60 20.57 42.14
N GLU C 49 -24.59 20.67 40.82
CA GLU C 49 -24.46 19.51 39.93
C GLU C 49 -23.44 19.79 38.82
N ASP C 50 -23.06 18.76 38.08
CA ASP C 50 -22.14 18.93 36.96
C ASP C 50 -22.59 18.23 35.70
N ILE C 51 -22.54 18.94 34.58
CA ILE C 51 -22.87 18.37 33.32
C ILE C 51 -21.55 18.19 32.56
N LEU C 52 -21.27 16.94 32.22
CA LEU C 52 -20.12 16.60 31.38
C LEU C 52 -20.60 16.64 29.95
N TYR C 53 -20.70 17.86 29.40
CA TYR C 53 -21.45 18.09 28.16
C TYR C 53 -21.01 17.25 26.97
N HIS C 54 -19.70 17.06 26.81
CA HIS C 54 -19.21 16.36 25.60
C HIS C 54 -19.31 14.82 25.72
N PHE C 55 -19.66 14.36 26.91
CA PHE C 55 -19.95 12.91 27.13
C PHE C 55 -21.46 12.61 27.21
N ASN C 56 -22.26 13.67 27.20
CA ASN C 56 -23.72 13.57 27.52
C ASN C 56 -24.02 12.90 28.88
N LEU C 57 -23.25 13.25 29.91
CA LEU C 57 -23.40 12.69 31.26
C LEU C 57 -23.59 13.81 32.26
N THR C 58 -24.44 13.56 33.25
CA THR C 58 -24.71 14.54 34.31
C THR C 58 -24.54 13.85 35.65
N THR C 59 -24.04 14.58 36.63
CA THR C 59 -23.91 14.04 37.98
C THR C 59 -25.29 13.82 38.63
N SER C 60 -26.26 14.65 38.24
CA SER C 60 -27.62 14.54 38.76
C SER C 60 -28.31 13.25 38.34
N ARG C 61 -28.16 12.84 37.07
CA ARG C 61 -28.74 11.58 36.58
C ARG C 61 -28.00 10.35 37.08
N HIS C 62 -26.72 10.25 36.73
CA HIS C 62 -25.92 9.03 36.92
C HIS C 62 -25.18 9.00 38.27
N ASN C 63 -25.17 7.83 38.94
CA ASN C 63 -24.37 7.65 40.15
C ASN C 63 -22.91 7.31 39.77
N PHE C 64 -22.02 8.28 39.86
CA PHE C 64 -20.67 8.09 39.34
C PHE C 64 -19.85 7.03 40.10
N PRO C 65 -19.83 7.09 41.46
CA PRO C 65 -19.08 6.03 42.18
C PRO C 65 -19.57 4.62 41.81
N ALA C 66 -20.88 4.43 41.73
CA ALA C 66 -21.48 3.16 41.35
C ALA C 66 -21.11 2.64 39.95
N LEU C 67 -21.08 3.55 38.97
CA LEU C 67 -20.90 3.22 37.57
C LEU C 67 -19.42 3.04 37.20
N PHE C 68 -18.58 3.87 37.80
CA PHE C 68 -17.18 3.97 37.37
C PHE C 68 -16.14 3.74 38.46
N GLY C 69 -16.58 3.64 39.71
CA GLY C 69 -15.66 3.58 40.85
C GLY C 69 -14.53 2.53 40.79
N ASP C 70 -14.75 1.46 40.05
CA ASP C 70 -13.83 0.33 39.87
C ASP C 70 -12.77 0.57 38.78
N VAL C 71 -12.92 1.63 38.01
CA VAL C 71 -12.03 1.85 36.87
C VAL C 71 -10.59 2.02 37.35
N LYS C 72 -9.71 1.18 36.80
CA LYS C 72 -8.25 1.21 37.11
C LYS C 72 -7.35 1.53 35.91
N PHE C 73 -7.89 1.39 34.70
CA PHE C 73 -7.14 1.61 33.46
C PHE C 73 -7.98 2.39 32.45
N VAL C 74 -7.42 3.47 31.91
CA VAL C 74 -8.14 4.23 30.89
C VAL C 74 -7.25 4.28 29.65
N CYS C 75 -7.72 3.78 28.51
CA CYS C 75 -6.94 3.85 27.28
C CYS C 75 -7.62 4.88 26.36
N VAL C 76 -6.87 5.83 25.83
CA VAL C 76 -7.45 6.90 24.99
C VAL C 76 -6.76 6.95 23.62
N GLY C 77 -7.48 7.38 22.58
CA GLY C 77 -6.92 7.35 21.23
C GLY C 77 -7.79 8.20 20.33
N GLY C 78 -7.29 8.58 19.15
CA GLY C 78 -8.00 9.57 18.30
C GLY C 78 -9.28 9.00 17.68
N SER C 79 -9.19 7.79 17.15
CA SER C 79 -10.26 7.18 16.34
C SER C 79 -11.29 6.40 17.19
N PRO C 80 -12.59 6.75 17.06
CA PRO C 80 -13.67 5.96 17.69
C PRO C 80 -13.68 4.46 17.33
N SER C 81 -13.46 4.10 16.06
CA SER C 81 -13.41 2.68 15.72
C SER C 81 -12.20 1.98 16.34
N ARG C 82 -11.07 2.65 16.42
CA ARG C 82 -9.91 2.05 17.10
C ARG C 82 -10.21 1.80 18.57
N MET C 83 -10.90 2.75 19.24
CA MET C 83 -11.19 2.58 20.67
C MET C 83 -12.24 1.48 20.94
N LYS C 84 -13.15 1.27 19.99
CA LYS C 84 -14.08 0.12 20.12
C LYS C 84 -13.34 -1.19 19.88
N ALA C 85 -12.45 -1.22 18.88
CA ALA C 85 -11.58 -2.39 18.64
C ALA C 85 -10.71 -2.72 19.85
N PHE C 86 -10.27 -1.68 20.54
CA PHE C 86 -9.44 -1.86 21.72
C PHE C 86 -10.22 -2.53 22.86
N ILE C 87 -11.42 -2.02 23.17
CA ILE C 87 -12.24 -2.60 24.24
C ILE C 87 -12.57 -4.07 24.00
N ARG C 88 -12.82 -4.43 22.74
CA ARG C 88 -13.04 -5.83 22.37
C ARG C 88 -11.79 -6.67 22.58
N CYS C 89 -10.66 -6.12 22.14
CA CYS C 89 -9.39 -6.76 22.31
C CYS C 89 -9.10 -7.01 23.78
N VAL C 90 -9.27 -5.99 24.61
CA VAL C 90 -8.97 -6.13 26.04
C VAL C 90 -10.03 -6.96 26.84
N GLY C 91 -11.31 -6.82 26.49
CA GLY C 91 -12.35 -7.75 27.01
C GLY C 91 -11.99 -9.23 26.83
N ALA C 92 -11.57 -9.62 25.62
CA ALA C 92 -11.18 -11.00 25.35
C ALA C 92 -9.90 -11.42 26.08
N GLU C 93 -8.95 -10.50 26.25
CA GLU C 93 -7.76 -10.73 27.10
C GLU C 93 -8.12 -11.04 28.55
N LEU C 94 -9.14 -10.36 29.06
CA LEU C 94 -9.53 -10.50 30.45
C LEU C 94 -10.54 -11.64 30.69
N GLY C 95 -10.92 -12.32 29.61
CA GLY C 95 -11.89 -13.42 29.66
C GLY C 95 -13.33 -12.98 29.86
N LEU C 96 -13.66 -11.76 29.43
CA LEU C 96 -14.97 -11.15 29.64
C LEU C 96 -15.70 -10.88 28.34
N ASP C 97 -15.21 -11.40 27.23
CA ASP C 97 -15.81 -11.14 25.92
C ASP C 97 -17.10 -11.92 25.71
N CYS C 98 -18.11 -11.24 25.15
CA CYS C 98 -19.36 -11.86 24.77
C CYS C 98 -19.53 -11.79 23.27
N PRO C 99 -19.15 -12.88 22.57
CA PRO C 99 -19.31 -12.96 21.12
C PRO C 99 -20.81 -12.84 20.79
N GLY C 100 -21.14 -11.90 19.90
CA GLY C 100 -22.53 -11.64 19.54
C GLY C 100 -23.16 -10.49 20.31
N ARG C 101 -22.36 -9.78 21.10
CA ARG C 101 -22.84 -8.66 21.89
C ARG C 101 -22.02 -7.37 21.65
N ASP C 102 -22.71 -6.31 21.26
CA ASP C 102 -22.19 -4.93 21.20
C ASP C 102 -21.63 -4.49 22.55
N TYR C 103 -20.46 -3.83 22.57
CA TYR C 103 -20.13 -2.97 23.72
C TYR C 103 -20.89 -1.65 23.57
N PRO C 104 -21.74 -1.30 24.55
CA PRO C 104 -22.50 -0.05 24.43
C PRO C 104 -21.60 1.18 24.49
N ASN C 105 -21.88 2.14 23.61
CA ASN C 105 -21.23 3.44 23.68
C ASN C 105 -21.85 4.23 24.81
N ILE C 106 -21.07 4.44 25.87
CA ILE C 106 -21.52 5.14 27.06
C ILE C 106 -21.99 6.58 26.77
N CYS C 107 -21.43 7.16 25.69
CA CYS C 107 -21.77 8.53 25.27
C CYS C 107 -22.86 8.56 24.18
N ALA C 108 -23.66 7.50 24.10
CA ALA C 108 -24.80 7.47 23.17
C ALA C 108 -25.63 8.76 23.31
N GLY C 109 -25.98 9.37 22.19
CA GLY C 109 -26.75 10.62 22.22
C GLY C 109 -25.89 11.85 21.96
N THR C 110 -24.57 11.66 21.97
CA THR C 110 -23.66 12.67 21.44
C THR C 110 -22.70 12.03 20.42
N ASP C 111 -22.12 12.84 19.55
CA ASP C 111 -21.07 12.31 18.74
C ASP C 111 -19.74 13.04 18.88
N ARG C 112 -19.51 13.70 19.99
CA ARG C 112 -18.22 14.38 20.21
C ARG C 112 -17.09 13.37 20.50
N TYR C 113 -17.41 12.35 21.31
CA TYR C 113 -16.43 11.36 21.77
C TYR C 113 -17.24 10.09 21.99
N ALA C 114 -16.59 8.94 21.91
CA ALA C 114 -17.21 7.65 22.24
C ALA C 114 -16.49 7.06 23.43
N MET C 115 -17.19 6.26 24.24
CA MET C 115 -16.58 5.67 25.45
C MET C 115 -17.17 4.28 25.66
N TYR C 116 -16.31 3.33 26.04
CA TYR C 116 -16.66 1.91 26.20
C TYR C 116 -15.98 1.45 27.47
N LYS C 117 -16.56 0.41 28.07
CA LYS C 117 -16.10 -0.12 29.36
C LYS C 117 -16.13 -1.65 29.33
N VAL C 118 -15.04 -2.28 29.78
CA VAL C 118 -15.11 -3.70 30.12
C VAL C 118 -14.33 -3.90 31.43
N GLY C 119 -15.00 -4.48 32.44
CA GLY C 119 -14.41 -4.58 33.78
C GLY C 119 -13.81 -3.26 34.26
N PRO C 120 -12.59 -3.29 34.81
CA PRO C 120 -11.99 -2.06 35.36
C PRO C 120 -11.34 -1.17 34.25
N VAL C 121 -11.64 -1.45 32.99
CA VAL C 121 -11.04 -0.76 31.82
C VAL C 121 -12.07 0.13 31.07
N LEU C 122 -11.65 1.37 30.83
CA LEU C 122 -12.41 2.36 30.07
C LEU C 122 -11.61 2.64 28.78
N SER C 123 -12.29 2.79 27.64
CA SER C 123 -11.65 3.14 26.38
C SER C 123 -12.39 4.39 25.84
N VAL C 124 -11.67 5.47 25.52
CA VAL C 124 -12.33 6.76 25.17
C VAL C 124 -11.67 7.32 23.92
N SER C 125 -12.46 7.81 22.96
CA SER C 125 -11.87 8.42 21.77
C SER C 125 -11.57 9.88 22.10
N HIS C 126 -10.64 10.52 21.39
CA HIS C 126 -10.41 11.92 21.69
C HIS C 126 -10.27 12.84 20.46
N GLY C 127 -10.51 12.33 19.25
CA GLY C 127 -10.35 13.17 18.08
C GLY C 127 -8.88 13.57 17.84
N MET C 128 -8.67 14.59 17.02
CA MET C 128 -7.31 15.00 16.61
C MET C 128 -6.99 16.39 17.14
N GLY C 129 -5.89 16.53 17.90
CA GLY C 129 -5.33 17.85 18.18
C GLY C 129 -5.43 18.13 19.67
N ILE C 130 -4.53 18.97 20.19
CA ILE C 130 -4.54 19.46 21.58
C ILE C 130 -5.95 19.87 22.11
N PRO C 131 -6.67 20.76 21.38
CA PRO C 131 -7.96 21.17 21.93
C PRO C 131 -8.93 20.01 22.12
N SER C 132 -8.98 19.08 21.17
CA SER C 132 -9.94 17.96 21.18
C SER C 132 -9.64 17.03 22.34
N ILE C 133 -8.38 16.65 22.52
CA ILE C 133 -8.05 15.83 23.67
C ILE C 133 -8.20 16.59 25.00
N SER C 134 -7.88 17.88 25.02
CA SER C 134 -8.00 18.68 26.26
C SER C 134 -9.44 18.66 26.81
N ILE C 135 -10.43 18.83 25.92
CA ILE C 135 -11.82 18.80 26.37
C ILE C 135 -12.15 17.46 26.98
N MET C 136 -11.79 16.38 26.29
CA MET C 136 -12.07 15.03 26.77
C MET C 136 -11.38 14.85 28.15
N LEU C 137 -10.14 15.27 28.26
CA LEU C 137 -9.42 15.08 29.53
C LEU C 137 -10.01 15.88 30.72
N HIS C 138 -10.45 17.12 30.49
CA HIS C 138 -11.08 17.84 31.61
C HIS C 138 -12.30 17.07 32.07
N GLU C 139 -13.08 16.55 31.12
CA GLU C 139 -14.31 15.86 31.49
C GLU C 139 -14.06 14.46 32.04
N LEU C 140 -13.09 13.75 31.44
CA LEU C 140 -12.72 12.41 31.93
C LEU C 140 -12.21 12.47 33.36
N ILE C 141 -11.30 13.39 33.67
CA ILE C 141 -10.74 13.51 35.02
C ILE C 141 -11.82 13.84 36.08
N LYS C 142 -12.76 14.70 35.73
CA LYS C 142 -13.90 14.96 36.62
C LYS C 142 -14.76 13.73 36.82
N LEU C 143 -15.01 12.95 35.78
CA LEU C 143 -15.77 11.70 35.89
C LEU C 143 -15.07 10.70 36.86
N LEU C 144 -13.75 10.60 36.73
CA LEU C 144 -12.95 9.77 37.64
C LEU C 144 -12.93 10.31 39.08
N TYR C 145 -12.82 11.62 39.25
CA TYR C 145 -12.90 12.23 40.57
C TYR C 145 -14.29 12.11 41.22
N TYR C 146 -15.35 12.23 40.43
CA TYR C 146 -16.72 11.99 40.94
C TYR C 146 -16.95 10.52 41.28
N ALA C 147 -16.35 9.61 40.53
CA ALA C 147 -16.45 8.20 40.82
C ALA C 147 -15.56 7.75 42.00
N ARG C 148 -14.82 8.70 42.57
CA ARG C 148 -13.84 8.48 43.65
C ARG C 148 -12.78 7.44 43.28
N CYS C 149 -12.28 7.52 42.05
CA CYS C 149 -11.31 6.57 41.57
C CYS C 149 -9.92 6.90 42.16
N SER C 150 -9.08 5.87 42.25
CA SER C 150 -7.73 6.03 42.76
C SER C 150 -6.83 4.99 42.09
N ASN C 151 -5.52 5.26 42.07
CA ASN C 151 -4.59 4.37 41.37
C ASN C 151 -4.96 4.15 39.90
N VAL C 152 -5.31 5.23 39.23
CA VAL C 152 -5.67 5.12 37.82
C VAL C 152 -4.45 5.31 36.92
N THR C 153 -4.29 4.38 35.99
CA THR C 153 -3.30 4.41 34.95
C THR C 153 -4.01 4.77 33.64
N ILE C 154 -3.47 5.75 32.96
CA ILE C 154 -4.06 6.22 31.67
C ILE C 154 -3.00 6.15 30.58
N ILE C 155 -3.33 5.53 29.46
CA ILE C 155 -2.39 5.37 28.41
C ILE C 155 -3.01 5.87 27.10
N ARG C 156 -2.35 6.81 26.44
CA ARG C 156 -2.68 7.11 25.05
C ARG C 156 -2.09 6.12 24.02
N ILE C 157 -2.93 5.56 23.15
CA ILE C 157 -2.45 4.85 21.99
C ILE C 157 -2.74 5.68 20.76
N GLY C 158 -1.77 5.79 19.89
CA GLY C 158 -1.95 6.51 18.63
C GLY C 158 -1.00 6.15 17.52
N THR C 159 -0.95 7.02 16.50
CA THR C 159 -0.15 6.81 15.32
C THR C 159 0.73 8.04 15.27
N SER C 160 1.81 7.93 14.52
CA SER C 160 2.76 9.02 14.51
C SER C 160 3.63 8.95 13.28
N GLY C 161 4.39 10.04 13.04
CA GLY C 161 5.38 10.06 11.99
C GLY C 161 6.70 9.71 12.68
N GLY C 162 7.47 8.75 12.15
CA GLY C 162 8.73 8.39 12.86
C GLY C 162 9.83 9.26 12.30
N ILE C 163 10.91 9.44 13.06
CA ILE C 163 12.12 10.08 12.52
C ILE C 163 13.28 9.09 12.72
N GLY C 164 13.85 8.58 11.63
CA GLY C 164 15.00 7.68 11.79
C GLY C 164 14.66 6.29 12.28
N LEU C 165 13.37 5.91 12.24
CA LEU C 165 12.90 4.57 12.61
C LEU C 165 12.24 3.91 11.38
N GLU C 166 12.25 2.59 11.33
CA GLU C 166 11.52 1.91 10.24
C GLU C 166 9.98 2.00 10.49
N PRO C 167 9.19 2.06 9.40
CA PRO C 167 7.73 2.10 9.53
C PRO C 167 7.26 0.92 10.40
N GLY C 168 6.31 1.17 11.28
CA GLY C 168 5.72 0.14 12.13
C GLY C 168 6.44 -0.05 13.46
N THR C 169 7.51 0.72 13.67
CA THR C 169 8.14 0.76 15.01
C THR C 169 7.20 1.34 16.07
N VAL C 170 7.18 0.71 17.25
CA VAL C 170 6.42 1.25 18.33
C VAL C 170 7.34 2.08 19.26
N VAL C 171 6.92 3.32 19.55
CA VAL C 171 7.66 4.24 20.43
C VAL C 171 6.91 4.42 21.71
N ILE C 172 7.57 4.13 22.82
CA ILE C 172 7.05 4.48 24.15
C ILE C 172 7.67 5.83 24.50
N THR C 173 6.84 6.84 24.75
CA THR C 173 7.32 8.21 24.92
C THR C 173 7.99 8.37 26.27
N GLU C 174 9.23 8.85 26.26
CA GLU C 174 9.95 9.19 27.50
C GLU C 174 9.49 10.60 27.91
N GLN C 175 9.71 11.58 27.03
CA GLN C 175 9.21 12.96 27.22
C GLN C 175 8.39 13.40 26.03
N ALA C 176 7.28 14.08 26.31
CA ALA C 176 6.51 14.72 25.26
C ALA C 176 7.10 16.11 25.15
N VAL C 177 7.51 16.49 23.94
CA VAL C 177 8.24 17.74 23.73
C VAL C 177 7.58 18.68 22.73
N ASP C 178 7.93 19.96 22.87
CA ASP C 178 7.41 20.94 21.96
C ASP C 178 8.30 21.07 20.68
N THR C 179 8.08 22.13 19.92
CA THR C 179 8.76 22.30 18.62
C THR C 179 10.16 22.88 18.75
N CYS C 180 10.54 23.18 19.99
CA CYS C 180 11.90 23.49 20.41
C CYS C 180 12.57 22.28 21.02
N PHE C 181 11.82 21.18 21.12
CA PHE C 181 12.28 19.90 21.64
C PHE C 181 12.46 19.93 23.14
N LYS C 182 11.74 20.83 23.82
CA LYS C 182 11.74 20.91 25.31
C LYS C 182 10.49 20.27 25.92
N ALA C 183 10.64 19.64 27.10
CA ALA C 183 9.51 18.98 27.78
C ALA C 183 8.58 19.97 28.49
N GLU C 184 7.88 20.75 27.67
CA GLU C 184 7.01 21.83 28.12
C GLU C 184 5.75 21.99 27.27
N PHE C 185 4.64 22.34 27.92
CA PHE C 185 3.37 22.65 27.28
C PHE C 185 2.98 24.09 27.61
N GLU C 186 2.85 24.94 26.59
CA GLU C 186 2.44 26.35 26.73
C GLU C 186 0.97 26.54 26.32
N GLN C 187 0.20 27.19 27.18
CA GLN C 187 -1.14 27.62 26.79
C GLN C 187 -1.37 29.09 27.16
N ILE C 188 -2.53 29.61 26.78
CA ILE C 188 -2.90 31.00 27.08
C ILE C 188 -4.09 30.93 28.00
N VAL C 189 -3.97 31.57 29.17
CA VAL C 189 -5.01 31.57 30.19
C VAL C 189 -5.33 33.05 30.48
N LEU C 190 -6.56 33.46 30.18
CA LEU C 190 -6.95 34.87 30.29
C LEU C 190 -6.01 35.83 29.55
N GLY C 191 -5.59 35.44 28.35
CA GLY C 191 -4.71 36.25 27.54
C GLY C 191 -3.23 36.23 27.95
N LYS C 192 -2.86 35.50 28.99
CA LYS C 192 -1.45 35.40 29.41
C LYS C 192 -0.84 34.02 29.13
N ARG C 193 0.38 34.00 28.58
CA ARG C 193 1.11 32.75 28.31
C ARG C 193 1.46 32.03 29.62
N VAL C 194 1.11 30.75 29.70
CA VAL C 194 1.36 29.91 30.89
C VAL C 194 2.13 28.68 30.39
N ILE C 195 3.19 28.30 31.10
CA ILE C 195 3.99 27.10 30.76
C ILE C 195 3.84 26.00 31.79
N ARG C 196 3.45 24.81 31.36
CA ARG C 196 3.45 23.64 32.25
C ARG C 196 4.49 22.63 31.80
N LYS C 197 5.08 21.94 32.76
CA LYS C 197 6.02 20.88 32.41
C LYS C 197 5.29 19.60 32.05
N THR C 198 5.88 18.82 31.15
CA THR C 198 5.28 17.55 30.80
C THR C 198 6.00 16.43 31.56
N ASP C 199 5.24 15.56 32.20
CA ASP C 199 5.81 14.40 32.92
C ASP C 199 5.05 13.15 32.56
N LEU C 200 5.77 12.13 32.11
CA LEU C 200 5.15 10.81 31.91
C LEU C 200 5.82 9.82 32.85
N ASN C 201 5.06 8.88 33.38
CA ASN C 201 5.55 8.07 34.47
C ASN C 201 6.72 7.16 34.06
N LYS C 202 7.88 7.33 34.72
CA LYS C 202 9.07 6.54 34.40
C LYS C 202 8.94 5.03 34.59
N LYS C 203 8.38 4.65 35.73
CA LYS C 203 8.13 3.23 36.03
C LYS C 203 7.20 2.61 34.99
N LEU C 204 6.19 3.38 34.58
CA LEU C 204 5.27 2.82 33.59
C LEU C 204 5.97 2.61 32.25
N VAL C 205 6.87 3.50 31.87
CA VAL C 205 7.65 3.28 30.64
C VAL C 205 8.36 1.91 30.67
N GLN C 206 8.98 1.63 31.81
CA GLN C 206 9.75 0.39 31.99
C GLN C 206 8.84 -0.86 32.02
N GLU C 207 7.64 -0.76 32.60
CA GLU C 207 6.66 -1.87 32.59
C GLU C 207 6.17 -2.18 31.17
N LEU C 208 5.88 -1.11 30.39
CA LEU C 208 5.53 -1.27 28.98
C LEU C 208 6.65 -1.87 28.14
N LEU C 209 7.86 -1.39 28.35
CA LEU C 209 9.04 -2.00 27.72
C LEU C 209 9.22 -3.51 28.08
N LEU C 210 8.97 -3.87 29.34
CA LEU C 210 9.04 -5.27 29.78
C LEU C 210 8.02 -6.12 29.02
N CYS C 211 6.79 -5.61 28.92
CA CYS C 211 5.80 -6.25 28.09
C CYS C 211 6.18 -6.42 26.63
N SER C 212 6.77 -5.37 26.05
CA SER C 212 7.16 -5.44 24.64
C SER C 212 8.26 -6.50 24.41
N ALA C 213 9.21 -6.58 25.34
CA ALA C 213 10.33 -7.56 25.25
C ALA C 213 9.85 -8.99 25.39
N GLU C 214 8.84 -9.21 26.22
CA GLU C 214 8.21 -10.52 26.33
C GLU C 214 7.44 -10.89 25.05
N LEU C 215 6.67 -9.94 24.52
CA LEU C 215 5.94 -10.19 23.26
C LEU C 215 6.82 -10.52 22.09
N SER C 216 7.85 -9.68 21.89
CA SER C 216 8.76 -9.79 20.78
C SER C 216 8.06 -9.91 19.43
N GLU C 217 7.04 -9.06 19.23
CA GLU C 217 6.28 -9.08 17.99
C GLU C 217 6.63 -7.90 17.06
N PHE C 218 7.34 -6.91 17.59
CA PHE C 218 7.67 -5.72 16.80
C PHE C 218 8.76 -4.94 17.53
N THR C 219 9.56 -4.21 16.75
CA THR C 219 10.61 -3.32 17.28
C THR C 219 9.95 -2.26 18.16
N THR C 220 10.45 -2.11 19.38
CA THR C 220 9.91 -1.13 20.32
C THR C 220 11.09 -0.29 20.81
N VAL C 221 10.93 1.04 20.74
CA VAL C 221 11.98 1.97 21.22
C VAL C 221 11.45 2.96 22.28
N VAL C 222 12.34 3.48 23.10
CA VAL C 222 12.02 4.58 24.03
C VAL C 222 12.64 5.88 23.50
N GLY C 223 11.86 6.93 23.32
CA GLY C 223 12.43 8.19 22.87
C GLY C 223 11.48 9.36 23.09
N ASN C 224 11.85 10.55 22.66
CA ASN C 224 10.96 11.66 22.88
C ASN C 224 9.97 11.81 21.73
N THR C 225 8.83 12.42 22.04
CA THR C 225 7.76 12.58 21.05
C THR C 225 7.46 14.05 20.91
N MET C 226 7.67 14.58 19.70
CA MET C 226 7.35 15.99 19.48
C MET C 226 5.86 16.13 19.16
N CYS C 227 5.18 17.02 19.87
CA CYS C 227 3.77 17.24 19.71
C CYS C 227 3.56 18.58 19.02
N THR C 228 2.84 18.58 17.92
CA THR C 228 2.64 19.80 17.14
C THR C 228 1.18 20.21 17.13
N LEU C 229 0.97 21.49 16.85
CA LEU C 229 -0.37 21.98 16.75
C LEU C 229 -1.00 21.41 15.54
N ASP C 230 -0.40 21.66 14.38
CA ASP C 230 -0.93 21.24 13.10
C ASP C 230 -0.14 20.16 12.31
N PHE C 231 -0.81 19.48 11.41
CA PHE C 231 -0.28 18.25 10.79
C PHE C 231 0.61 18.49 9.56
N TYR C 232 0.29 19.50 8.76
CA TYR C 232 0.94 19.71 7.44
C TYR C 232 2.16 20.63 7.59
N GLU C 233 1.94 21.94 7.68
CA GLU C 233 3.10 22.84 7.90
C GLU C 233 3.74 22.65 9.27
N GLY C 234 2.91 22.28 10.25
CA GLY C 234 3.32 22.07 11.63
C GLY C 234 4.31 20.92 11.77
N GLN C 235 4.31 19.99 10.83
CA GLN C 235 5.23 18.83 10.90
C GLN C 235 6.21 18.79 9.73
N GLY C 236 6.37 19.94 9.04
CA GLY C 236 7.30 20.03 7.90
C GLY C 236 6.90 19.26 6.66
N ARG C 237 5.63 18.87 6.50
CA ARG C 237 5.21 18.17 5.27
C ARG C 237 5.28 19.09 4.05
N LEU C 238 5.50 18.47 2.90
CA LEU C 238 5.53 19.17 1.62
C LEU C 238 4.20 19.04 0.82
N ASP C 239 3.20 18.35 1.38
CA ASP C 239 1.98 18.00 0.61
C ASP C 239 0.72 18.74 1.10
N GLY C 240 0.91 19.84 1.86
CA GLY C 240 -0.24 20.64 2.30
C GLY C 240 -0.83 21.47 1.17
N ALA C 241 -1.94 22.16 1.48
CA ALA C 241 -2.48 23.18 0.56
C ALA C 241 -1.56 24.43 0.59
N LEU C 242 -0.84 24.61 1.71
CA LEU C 242 0.14 25.68 1.87
C LEU C 242 1.49 25.08 2.21
N CYS C 243 2.58 25.66 1.69
CA CYS C 243 3.93 25.22 2.07
C CYS C 243 4.94 26.34 1.79
N SER C 244 5.54 26.86 2.86
CA SER C 244 6.44 28.04 2.76
C SER C 244 7.96 27.73 2.78
N TYR C 245 8.34 26.46 2.72
CA TYR C 245 9.75 26.11 2.92
C TYR C 245 10.07 25.03 1.90
N THR C 246 11.35 24.65 1.84
CA THR C 246 11.82 23.66 0.88
C THR C 246 12.02 22.28 1.52
N GLU C 247 12.18 21.29 0.66
CA GLU C 247 12.54 19.97 1.14
C GLU C 247 13.82 19.95 2.01
N LYS C 248 14.80 20.76 1.64
CA LYS C 248 16.08 20.78 2.41
C LYS C 248 15.83 21.37 3.78
N ASP C 249 14.99 22.41 3.87
CA ASP C 249 14.66 23.06 5.16
C ASP C 249 13.96 22.11 6.13
N LYS C 250 12.98 21.39 5.61
CA LYS C 250 12.27 20.46 6.51
C LYS C 250 13.14 19.26 6.87
N GLN C 251 13.95 18.79 5.92
CA GLN C 251 14.88 17.69 6.21
C GLN C 251 15.87 18.05 7.33
N ALA C 252 16.49 19.26 7.24
CA ALA C 252 17.33 19.79 8.36
C ALA C 252 16.59 19.94 9.70
N TYR C 253 15.32 20.38 9.66
CA TYR C 253 14.50 20.47 10.89
C TYR C 253 14.30 19.09 11.59
N LEU C 254 13.90 18.11 10.81
CA LEU C 254 13.72 16.74 11.32
C LEU C 254 15.04 16.15 11.84
N GLU C 255 16.16 16.43 11.18
CA GLU C 255 17.47 15.95 11.70
C GLU C 255 17.83 16.63 13.02
N ALA C 256 17.51 17.91 13.14
CA ALA C 256 17.63 18.64 14.42
C ALA C 256 16.83 18.02 15.53
N ALA C 257 15.56 17.70 15.25
CA ALA C 257 14.70 17.00 16.23
C ALA C 257 15.37 15.66 16.63
N TYR C 258 15.83 14.90 15.65
CA TYR C 258 16.44 13.56 15.89
C TYR C 258 17.63 13.66 16.87
N ALA C 259 18.48 14.63 16.56
CA ALA C 259 19.66 14.94 17.37
C ALA C 259 19.28 15.27 18.80
N ALA C 260 18.16 16.00 18.98
CA ALA C 260 17.64 16.33 20.33
C ALA C 260 16.86 15.17 21.00
N GLY C 261 16.84 14.00 20.38
CA GLY C 261 16.28 12.80 21.04
C GLY C 261 14.86 12.49 20.54
N VAL C 262 14.35 13.29 19.60
CA VAL C 262 13.00 13.02 19.05
C VAL C 262 12.98 11.80 18.07
N ARG C 263 12.07 10.86 18.34
CA ARG C 263 11.92 9.69 17.49
C ARG C 263 10.54 9.60 16.78
N ASN C 264 9.58 10.40 17.22
CA ASN C 264 8.31 10.49 16.48
C ASN C 264 7.55 11.80 16.71
N ILE C 265 6.54 12.02 15.89
CA ILE C 265 5.80 13.29 15.88
C ILE C 265 4.30 12.95 15.89
N GLU C 266 3.56 13.59 16.80
CA GLU C 266 2.11 13.47 16.78
C GLU C 266 1.46 14.75 17.31
N MET C 267 0.19 14.67 17.74
CA MET C 267 -0.58 15.94 18.01
C MET C 267 -1.29 16.10 19.37
N GLU C 268 -1.04 15.19 20.31
CA GLU C 268 -1.76 15.23 21.60
C GLU C 268 -0.90 15.02 22.86
N SER C 269 0.32 14.55 22.71
CA SER C 269 1.06 14.06 23.88
C SER C 269 1.40 15.14 24.92
N SER C 270 1.64 16.39 24.50
CA SER C 270 2.10 17.38 25.49
C SER C 270 0.98 17.77 26.47
N VAL C 271 -0.19 18.10 25.94
CA VAL C 271 -1.30 18.43 26.83
C VAL C 271 -1.69 17.24 27.67
N PHE C 272 -1.72 16.07 27.05
CA PHE C 272 -1.96 14.81 27.79
C PHE C 272 -1.01 14.63 29.00
N ALA C 273 0.30 14.74 28.77
CA ALA C 273 1.30 14.55 29.81
C ALA C 273 1.09 15.58 30.93
N ALA C 274 0.88 16.86 30.54
CA ALA C 274 0.71 17.96 31.51
C ALA C 274 -0.56 17.86 32.42
N MET C 275 -1.69 17.42 31.84
CA MET C 275 -2.90 17.32 32.65
C MET C 275 -2.91 16.09 33.56
N CYS C 276 -2.50 14.96 33.02
CA CYS C 276 -2.59 13.72 33.76
C CYS C 276 -1.73 13.77 35.03
N SER C 277 -0.49 14.23 34.91
CA SER C 277 0.41 14.32 36.06
C SER C 277 -0.09 15.29 37.13
N ALA C 278 -0.59 16.45 36.70
CA ALA C 278 -1.16 17.41 37.64
C ALA C 278 -2.34 16.85 38.46
N CYS C 279 -3.08 15.89 37.89
CA CYS C 279 -4.32 15.42 38.51
C CYS C 279 -4.19 14.06 39.19
N GLY C 280 -2.96 13.59 39.37
CA GLY C 280 -2.75 12.34 40.11
C GLY C 280 -2.96 11.07 39.32
N LEU C 281 -2.87 11.16 37.99
CA LEU C 281 -2.96 10.00 37.12
C LEU C 281 -1.57 9.60 36.63
N GLN C 282 -1.31 8.29 36.58
CA GLN C 282 -0.07 7.75 36.02
C GLN C 282 -0.24 7.55 34.51
N ALA C 283 0.55 8.26 33.71
CA ALA C 283 0.27 8.33 32.29
C ALA C 283 1.44 7.86 31.43
N ALA C 284 1.09 7.21 30.33
CA ALA C 284 2.06 6.85 29.29
C ALA C 284 1.50 7.13 27.87
N VAL C 285 2.40 7.19 26.89
CA VAL C 285 2.00 7.34 25.47
C VAL C 285 2.70 6.26 24.63
N VAL C 286 1.91 5.46 23.92
CA VAL C 286 2.39 4.38 23.12
C VAL C 286 1.86 4.61 21.69
N CYS C 287 2.74 4.97 20.76
CA CYS C 287 2.35 5.21 19.39
C CYS C 287 3.13 4.35 18.45
N VAL C 288 2.50 4.00 17.37
CA VAL C 288 3.20 3.33 16.30
C VAL C 288 3.55 4.32 15.19
N THR C 289 4.70 4.12 14.53
CA THR C 289 5.07 4.98 13.41
C THR C 289 4.56 4.38 12.11
N LEU C 290 3.93 5.22 11.29
CA LEU C 290 3.36 4.72 10.02
C LEU C 290 4.29 4.91 8.83
N LEU C 291 5.35 5.69 9.04
CA LEU C 291 6.30 6.01 7.98
C LEU C 291 7.51 6.70 8.62
N ASN C 292 8.61 6.73 7.89
CA ASN C 292 9.84 7.45 8.33
C ASN C 292 9.88 8.78 7.57
N ARG C 293 9.62 9.87 8.28
CA ARG C 293 9.50 11.24 7.69
C ARG C 293 10.80 11.68 6.99
N LEU C 294 11.93 11.09 7.36
CA LEU C 294 13.17 11.41 6.66
C LEU C 294 13.15 10.85 5.19
N GLU C 295 12.21 9.94 4.91
CA GLU C 295 12.01 9.34 3.55
C GLU C 295 10.83 9.94 2.76
N GLY C 296 10.00 10.76 3.42
CA GLY C 296 8.88 11.40 2.74
C GLY C 296 7.66 11.54 3.63
N ASP C 297 6.56 11.94 3.00
CA ASP C 297 5.37 12.36 3.71
C ASP C 297 4.23 11.36 3.64
N GLN C 298 4.28 10.47 2.65
CA GLN C 298 3.13 9.58 2.41
C GLN C 298 3.42 8.10 2.76
N ILE C 299 2.38 7.40 3.20
CA ILE C 299 2.53 6.02 3.68
C ILE C 299 2.71 5.17 2.42
N SER C 300 3.80 4.41 2.33
CA SER C 300 3.98 3.58 1.15
C SER C 300 3.59 2.11 1.37
N SER C 301 3.30 1.76 2.62
CA SER C 301 3.00 0.37 3.03
C SER C 301 1.70 -0.09 2.37
N PRO C 302 1.61 -1.39 2.05
CA PRO C 302 0.31 -1.83 1.55
C PRO C 302 -0.74 -1.89 2.66
N ARG C 303 -2.02 -1.83 2.24
CA ARG C 303 -3.15 -1.90 3.14
C ARG C 303 -3.03 -2.96 4.26
N ASN C 304 -2.72 -4.20 3.91
CA ASN C 304 -2.63 -5.25 4.94
C ASN C 304 -1.52 -5.01 5.96
N VAL C 305 -0.39 -4.49 5.50
CA VAL C 305 0.70 -4.16 6.40
C VAL C 305 0.32 -2.97 7.27
N LEU C 306 -0.34 -1.97 6.70
CA LEU C 306 -0.78 -0.81 7.49
C LEU C 306 -1.72 -1.26 8.60
N SER C 307 -2.67 -2.17 8.30
CA SER C 307 -3.56 -2.66 9.35
C SER C 307 -2.83 -3.38 10.47
N GLU C 308 -1.81 -4.16 10.14
CA GLU C 308 -1.01 -4.81 11.18
C GLU C 308 -0.36 -3.75 12.09
N TYR C 309 0.29 -2.78 11.48
CA TYR C 309 0.96 -1.69 12.24
C TYR C 309 -0.05 -0.96 13.16
N GLN C 310 -1.24 -0.66 12.63
CA GLN C 310 -2.20 0.13 13.39
C GLN C 310 -2.66 -0.52 14.67
N GLN C 311 -2.54 -1.84 14.73
CA GLN C 311 -2.98 -2.69 15.84
C GLN C 311 -1.84 -2.87 16.89
N ARG C 312 -0.61 -2.46 16.57
CA ARG C 312 0.52 -2.71 17.49
C ARG C 312 0.41 -2.03 18.89
N PRO C 313 0.07 -0.73 18.96
CA PRO C 313 -0.13 -0.17 20.29
C PRO C 313 -1.26 -0.85 21.09
N GLN C 314 -2.38 -1.20 20.44
CA GLN C 314 -3.46 -1.90 21.12
C GLN C 314 -3.00 -3.28 21.66
N ARG C 315 -2.24 -3.98 20.84
CA ARG C 315 -1.63 -5.28 21.21
C ARG C 315 -0.79 -5.14 22.48
N LEU C 316 0.12 -4.18 22.47
CA LEU C 316 0.98 -3.95 23.61
C LEU C 316 0.22 -3.57 24.87
N VAL C 317 -0.72 -2.64 24.74
CA VAL C 317 -1.41 -2.09 25.90
C VAL C 317 -2.43 -3.08 26.50
N SER C 318 -3.15 -3.81 25.65
CA SER C 318 -4.06 -4.86 26.18
C SER C 318 -3.29 -5.97 26.95
N TYR C 319 -2.11 -6.32 26.46
CA TYR C 319 -1.24 -7.32 27.08
C TYR C 319 -0.79 -6.83 28.44
N PHE C 320 -0.39 -5.56 28.50
CA PHE C 320 0.06 -4.91 29.71
C PHE C 320 -1.04 -4.96 30.79
N ILE C 321 -2.26 -4.58 30.38
CA ILE C 321 -3.41 -4.63 31.28
C ILE C 321 -3.72 -6.04 31.81
N LYS C 322 -3.74 -7.01 30.92
CA LYS C 322 -3.92 -8.40 31.29
C LYS C 322 -2.89 -8.84 32.32
N LYS C 323 -1.62 -8.49 32.14
CA LYS C 323 -0.58 -8.84 33.12
C LYS C 323 -0.81 -8.18 34.47
N LYS C 324 -1.16 -6.89 34.46
CA LYS C 324 -1.40 -6.17 35.71
C LYS C 324 -2.62 -6.73 36.46
N LEU C 325 -3.59 -7.26 35.71
CA LEU C 325 -4.88 -7.75 36.24
C LEU C 325 -4.95 -9.26 36.49
N SER C 326 -4.06 -10.02 35.85
CA SER C 326 -3.78 -11.38 36.24
C SER C 326 -3.02 -11.27 37.57
N LYS C 327 -2.07 -10.34 37.62
CA LYS C 327 -1.47 -9.71 38.83
C LYS C 327 -0.10 -10.25 39.25
N ASP D 34 -14.28 35.32 -12.39
CA ASP D 34 -14.30 33.90 -11.95
C ASP D 34 -13.00 33.60 -11.20
N CYS D 35 -13.14 33.04 -10.02
CA CYS D 35 -11.99 32.90 -9.13
C CYS D 35 -11.72 31.44 -8.79
N PRO D 36 -10.67 30.85 -9.41
CA PRO D 36 -10.36 29.44 -9.13
C PRO D 36 -9.83 29.30 -7.72
N VAL D 37 -10.09 28.14 -7.11
CA VAL D 37 -9.43 27.75 -5.87
C VAL D 37 -7.94 27.60 -6.22
N ARG D 38 -7.08 28.11 -5.35
CA ARG D 38 -5.63 28.07 -5.57
C ARG D 38 -4.91 27.48 -4.35
N LEU D 39 -3.78 26.82 -4.59
CA LEU D 39 -2.87 26.36 -3.53
C LEU D 39 -1.70 27.32 -3.45
N LEU D 40 -1.02 27.35 -2.30
CA LEU D 40 0.22 28.13 -2.17
C LEU D 40 1.31 27.13 -1.83
N ASN D 41 1.50 26.18 -2.71
CA ASN D 41 2.45 25.08 -2.47
C ASN D 41 2.98 24.62 -3.80
N PRO D 42 4.21 25.02 -4.14
CA PRO D 42 4.73 24.65 -5.46
C PRO D 42 4.98 23.13 -5.67
N ASN D 43 5.12 22.39 -4.58
CA ASN D 43 5.34 20.95 -4.62
C ASN D 43 4.18 20.13 -5.16
N ILE D 44 2.97 20.68 -5.11
CA ILE D 44 1.80 19.89 -5.47
C ILE D 44 1.83 19.47 -6.94
N ALA D 45 2.27 20.39 -7.82
CA ALA D 45 2.42 20.18 -9.27
C ALA D 45 3.47 19.12 -9.59
N LYS D 46 4.46 18.99 -8.70
CA LYS D 46 5.52 18.01 -8.87
C LYS D 46 5.11 16.58 -8.48
N MET D 47 4.02 16.41 -7.73
CA MET D 47 3.66 15.09 -7.18
C MET D 47 3.00 14.20 -8.25
N LYS D 48 3.28 12.91 -8.19
CA LYS D 48 2.71 11.96 -9.15
C LYS D 48 1.23 11.66 -8.81
N GLU D 49 0.98 11.36 -7.54
CA GLU D 49 -0.37 11.14 -7.05
C GLU D 49 -0.48 11.83 -5.70
N ASP D 50 -1.70 12.00 -5.24
CA ASP D 50 -1.91 12.52 -3.91
C ASP D 50 -2.95 11.66 -3.25
N ILE D 51 -2.77 11.43 -1.96
CA ILE D 51 -3.71 10.72 -1.14
C ILE D 51 -4.27 11.71 -0.10
N LEU D 52 -5.59 11.85 -0.10
CA LEU D 52 -6.24 12.60 0.96
C LEU D 52 -6.58 11.66 2.11
N TYR D 53 -5.59 11.46 3.00
CA TYR D 53 -5.62 10.36 3.98
C TYR D 53 -6.84 10.42 4.88
N HIS D 54 -7.23 11.63 5.30
CA HIS D 54 -8.28 11.74 6.31
C HIS D 54 -9.72 11.70 5.74
N PHE D 55 -9.81 11.69 4.39
CA PHE D 55 -11.05 11.55 3.64
C PHE D 55 -11.15 10.17 3.00
N ASN D 56 -10.07 9.37 3.07
CA ASN D 56 -9.97 8.11 2.31
C ASN D 56 -10.17 8.33 0.81
N LEU D 57 -9.59 9.38 0.23
CA LEU D 57 -9.70 9.59 -1.20
C LEU D 57 -8.33 9.71 -1.88
N THR D 58 -8.16 9.15 -3.07
CA THR D 58 -6.91 9.25 -3.80
C THR D 58 -7.09 9.74 -5.25
N THR D 59 -6.10 10.45 -5.77
CA THR D 59 -6.13 10.89 -7.15
C THR D 59 -6.04 9.74 -8.18
N SER D 60 -5.49 8.60 -7.79
CA SER D 60 -5.25 7.53 -8.77
C SER D 60 -6.52 6.77 -9.07
N ARG D 61 -7.49 6.86 -8.15
CA ARG D 61 -8.75 6.08 -8.21
C ARG D 61 -9.99 6.96 -8.51
N HIS D 62 -9.93 8.24 -8.17
CA HIS D 62 -11.12 9.12 -8.29
C HIS D 62 -10.90 10.23 -9.31
N ASN D 63 -11.93 10.48 -10.15
CA ASN D 63 -11.93 11.59 -11.11
C ASN D 63 -12.47 12.81 -10.36
N PHE D 64 -11.57 13.67 -9.90
CA PHE D 64 -12.03 14.77 -9.04
C PHE D 64 -12.96 15.77 -9.78
N PRO D 65 -12.63 16.20 -11.02
CA PRO D 65 -13.55 17.18 -11.65
C PRO D 65 -14.93 16.62 -11.93
N ALA D 66 -14.98 15.34 -12.26
CA ALA D 66 -16.25 14.67 -12.54
C ALA D 66 -17.09 14.53 -11.26
N LEU D 67 -16.44 14.27 -10.12
CA LEU D 67 -17.10 14.09 -8.86
C LEU D 67 -17.45 15.40 -8.08
N PHE D 68 -16.56 16.37 -8.12
CA PHE D 68 -16.67 17.56 -7.28
C PHE D 68 -16.62 18.87 -8.07
N GLY D 69 -16.51 18.81 -9.41
CA GLY D 69 -16.24 20.00 -10.20
C GLY D 69 -17.39 21.01 -10.18
N ASP D 70 -18.58 20.55 -9.86
CA ASP D 70 -19.77 21.43 -9.84
C ASP D 70 -19.99 22.07 -8.46
N VAL D 71 -19.16 21.74 -7.47
CA VAL D 71 -19.37 22.30 -6.09
C VAL D 71 -19.17 23.82 -6.06
N LYS D 72 -20.14 24.54 -5.49
CA LYS D 72 -20.04 26.02 -5.37
C LYS D 72 -20.18 26.50 -3.94
N PHE D 73 -20.80 25.66 -3.12
CA PHE D 73 -21.05 25.98 -1.72
C PHE D 73 -20.54 24.86 -0.83
N VAL D 74 -19.75 25.23 0.19
CA VAL D 74 -19.28 24.20 1.12
C VAL D 74 -19.66 24.67 2.53
N CYS D 75 -20.36 23.81 3.27
CA CYS D 75 -20.70 24.08 4.65
C CYS D 75 -19.88 23.15 5.56
N VAL D 76 -19.23 23.73 6.56
CA VAL D 76 -18.42 22.93 7.49
C VAL D 76 -18.85 23.17 8.95
N GLY D 77 -18.71 22.15 9.80
CA GLY D 77 -19.09 22.28 11.21
C GLY D 77 -18.60 21.07 12.02
N GLY D 78 -18.63 21.18 13.36
CA GLY D 78 -17.92 20.24 14.24
C GLY D 78 -18.46 18.82 14.19
N SER D 79 -19.79 18.75 14.33
CA SER D 79 -20.51 17.50 14.49
C SER D 79 -20.95 16.78 13.21
N PRO D 80 -20.54 15.52 13.03
CA PRO D 80 -20.90 14.78 11.83
C PRO D 80 -22.45 14.61 11.70
N SER D 81 -23.13 14.50 12.83
CA SER D 81 -24.58 14.30 12.80
C SER D 81 -25.24 15.62 12.39
N ARG D 82 -24.66 16.73 12.82
CA ARG D 82 -25.15 18.05 12.38
C ARG D 82 -24.94 18.25 10.88
N MET D 83 -23.77 17.86 10.38
CA MET D 83 -23.49 17.98 8.96
C MET D 83 -24.37 17.09 8.05
N LYS D 84 -24.75 15.91 8.53
CA LYS D 84 -25.72 15.07 7.79
C LYS D 84 -27.13 15.72 7.82
N ALA D 85 -27.56 16.22 8.97
CA ALA D 85 -28.79 17.02 9.08
C ALA D 85 -28.81 18.19 8.09
N PHE D 86 -27.70 18.92 8.02
CA PHE D 86 -27.54 20.03 7.08
C PHE D 86 -27.77 19.62 5.63
N ILE D 87 -27.08 18.57 5.18
CA ILE D 87 -27.19 18.16 3.81
C ILE D 87 -28.65 17.74 3.49
N ARG D 88 -29.31 17.09 4.45
CA ARG D 88 -30.72 16.70 4.27
C ARG D 88 -31.60 17.94 4.11
N CYS D 89 -31.41 18.91 5.00
CA CYS D 89 -32.08 20.18 4.99
C CYS D 89 -31.97 20.88 3.64
N VAL D 90 -30.74 21.09 3.17
CA VAL D 90 -30.42 21.71 1.88
C VAL D 90 -31.04 20.96 0.69
N GLY D 91 -30.91 19.64 0.73
CA GLY D 91 -31.47 18.78 -0.31
C GLY D 91 -32.96 19.08 -0.50
N ALA D 92 -33.71 19.09 0.61
CA ALA D 92 -35.15 19.43 0.57
C ALA D 92 -35.39 20.86 0.07
N GLU D 93 -34.72 21.86 0.65
CA GLU D 93 -34.81 23.25 0.19
C GLU D 93 -34.67 23.36 -1.34
N LEU D 94 -33.75 22.59 -1.90
CA LEU D 94 -33.43 22.66 -3.31
C LEU D 94 -34.31 21.75 -4.17
N GLY D 95 -35.27 21.07 -3.53
CA GLY D 95 -36.17 20.14 -4.19
C GLY D 95 -35.46 18.98 -4.86
N LEU D 96 -34.22 18.72 -4.45
CA LEU D 96 -33.43 17.61 -4.98
C LEU D 96 -33.65 16.37 -4.12
N ASP D 97 -34.56 16.47 -3.14
CA ASP D 97 -34.69 15.47 -2.10
C ASP D 97 -35.28 14.14 -2.57
N CYS D 98 -34.73 13.06 -2.02
CA CYS D 98 -35.23 11.70 -2.22
C CYS D 98 -35.68 11.13 -0.85
N PRO D 99 -37.00 11.25 -0.57
CA PRO D 99 -37.57 10.50 0.56
C PRO D 99 -37.19 9.01 0.54
N GLY D 100 -36.80 8.50 1.72
CA GLY D 100 -36.43 7.10 1.91
C GLY D 100 -35.15 6.68 1.21
N ARG D 101 -34.30 7.65 0.89
CA ARG D 101 -33.05 7.34 0.18
C ARG D 101 -31.80 7.93 0.89
N ASP D 102 -30.65 7.82 0.20
CA ASP D 102 -29.35 7.94 0.82
C ASP D 102 -28.63 9.24 0.45
N TYR D 103 -28.08 9.90 1.48
CA TYR D 103 -26.93 10.78 1.28
C TYR D 103 -25.73 9.98 1.81
N PRO D 104 -24.99 9.33 0.92
CA PRO D 104 -23.87 8.50 1.40
C PRO D 104 -22.71 9.36 1.97
N ASN D 105 -22.05 8.83 2.99
CA ASN D 105 -20.80 9.44 3.45
C ASN D 105 -19.66 9.20 2.43
N ILE D 106 -19.19 10.29 1.81
CA ILE D 106 -18.12 10.21 0.81
C ILE D 106 -16.81 9.65 1.45
N CYS D 107 -16.63 9.86 2.75
CA CYS D 107 -15.46 9.38 3.49
C CYS D 107 -15.61 7.97 4.09
N ALA D 108 -16.70 7.28 3.78
CA ALA D 108 -16.90 5.93 4.35
C ALA D 108 -15.63 5.04 4.25
N GLY D 109 -15.31 4.27 5.29
CA GLY D 109 -13.97 3.63 5.35
C GLY D 109 -12.98 4.39 6.25
N THR D 110 -13.27 5.65 6.53
CA THR D 110 -12.57 6.31 7.62
C THR D 110 -13.58 6.89 8.61
N ASP D 111 -13.16 7.16 9.83
CA ASP D 111 -14.01 7.83 10.80
C ASP D 111 -13.44 9.17 11.33
N ARG D 112 -12.47 9.74 10.60
CA ARG D 112 -11.88 11.03 10.97
C ARG D 112 -12.85 12.17 10.68
N TYR D 113 -13.41 12.17 9.46
CA TYR D 113 -14.39 13.23 9.08
C TYR D 113 -15.50 12.58 8.24
N ALA D 114 -16.67 13.21 8.23
CA ALA D 114 -17.77 12.79 7.34
C ALA D 114 -18.00 13.88 6.29
N MET D 115 -18.44 13.50 5.07
CA MET D 115 -18.62 14.43 3.94
C MET D 115 -19.81 13.99 3.09
N TYR D 116 -20.72 14.92 2.81
CA TYR D 116 -21.94 14.61 2.04
C TYR D 116 -22.09 15.65 0.93
N LYS D 117 -22.75 15.26 -0.17
CA LYS D 117 -22.98 16.17 -1.30
C LYS D 117 -24.44 16.09 -1.82
N VAL D 118 -25.03 17.25 -2.14
CA VAL D 118 -26.30 17.32 -2.85
C VAL D 118 -26.20 18.48 -3.82
N GLY D 119 -26.34 18.17 -5.11
CA GLY D 119 -26.11 19.14 -6.19
C GLY D 119 -24.76 19.85 -5.98
N PRO D 120 -24.77 21.20 -6.04
CA PRO D 120 -23.51 21.96 -5.94
C PRO D 120 -23.08 22.24 -4.50
N VAL D 121 -23.63 21.50 -3.54
CA VAL D 121 -23.35 21.71 -2.11
C VAL D 121 -22.65 20.50 -1.45
N LEU D 122 -21.60 20.80 -0.70
CA LEU D 122 -20.81 19.80 0.01
C LEU D 122 -20.94 20.16 1.50
N SER D 123 -21.10 19.19 2.36
CA SER D 123 -21.16 19.40 3.81
C SER D 123 -20.03 18.55 4.41
N VAL D 124 -19.22 19.12 5.31
CA VAL D 124 -18.01 18.40 5.81
C VAL D 124 -17.93 18.62 7.30
N SER D 125 -17.71 17.57 8.10
CA SER D 125 -17.54 17.77 9.54
C SER D 125 -16.07 18.03 9.82
N HIS D 126 -15.78 18.67 10.94
CA HIS D 126 -14.39 19.01 11.22
C HIS D 126 -13.88 18.72 12.65
N GLY D 127 -14.75 18.19 13.53
CA GLY D 127 -14.36 17.87 14.90
C GLY D 127 -14.06 19.18 15.62
N MET D 128 -13.34 19.11 16.74
CA MET D 128 -13.21 20.28 17.61
C MET D 128 -11.79 20.79 17.68
N GLY D 129 -11.61 22.06 17.38
CA GLY D 129 -10.27 22.65 17.61
C GLY D 129 -9.51 22.98 16.34
N ILE D 130 -8.68 24.00 16.45
CA ILE D 130 -7.77 24.38 15.38
C ILE D 130 -7.08 23.23 14.62
N PRO D 131 -6.37 22.31 15.33
CA PRO D 131 -5.75 21.25 14.55
C PRO D 131 -6.71 20.39 13.72
N SER D 132 -7.85 20.05 14.29
CA SER D 132 -8.82 19.15 13.61
C SER D 132 -9.38 19.84 12.35
N ILE D 133 -9.78 21.12 12.49
CA ILE D 133 -10.22 21.81 11.26
C ILE D 133 -9.12 22.09 10.25
N SER D 134 -7.88 22.35 10.72
CA SER D 134 -6.73 22.62 9.83
C SER D 134 -6.49 21.41 8.91
N ILE D 135 -6.43 20.18 9.45
CA ILE D 135 -6.25 18.99 8.60
C ILE D 135 -7.35 18.87 7.52
N MET D 136 -8.60 19.00 7.96
CA MET D 136 -9.75 18.94 7.06
C MET D 136 -9.58 19.98 5.94
N LEU D 137 -9.21 21.22 6.34
CA LEU D 137 -9.10 22.32 5.36
C LEU D 137 -8.00 22.11 4.35
N HIS D 138 -6.84 21.62 4.77
CA HIS D 138 -5.79 21.30 3.81
C HIS D 138 -6.28 20.31 2.78
N GLU D 139 -6.87 19.20 3.23
CA GLU D 139 -7.36 18.15 2.33
C GLU D 139 -8.57 18.60 1.46
N LEU D 140 -9.47 19.39 2.05
CA LEU D 140 -10.63 19.96 1.31
C LEU D 140 -10.17 20.93 0.23
N ILE D 141 -9.24 21.83 0.59
CA ILE D 141 -8.75 22.80 -0.40
C ILE D 141 -8.10 22.07 -1.57
N LYS D 142 -7.26 21.08 -1.26
CA LYS D 142 -6.69 20.30 -2.33
C LYS D 142 -7.76 19.58 -3.16
N LEU D 143 -8.77 19.00 -2.50
CA LEU D 143 -9.87 18.35 -3.23
C LEU D 143 -10.53 19.32 -4.24
N LEU D 144 -10.82 20.52 -3.79
CA LEU D 144 -11.51 21.50 -4.66
C LEU D 144 -10.61 21.95 -5.81
N TYR D 145 -9.33 22.08 -5.49
CA TYR D 145 -8.31 22.39 -6.47
C TYR D 145 -8.17 21.28 -7.54
N TYR D 146 -8.04 20.02 -7.13
CA TYR D 146 -7.98 18.93 -8.10
C TYR D 146 -9.26 18.86 -8.97
N ALA D 147 -10.40 19.17 -8.34
CA ALA D 147 -11.71 19.22 -9.04
C ALA D 147 -11.89 20.42 -9.98
N ARG D 148 -10.91 21.32 -9.97
CA ARG D 148 -10.90 22.59 -10.72
C ARG D 148 -12.08 23.51 -10.38
N CYS D 149 -12.50 23.50 -9.12
CA CYS D 149 -13.60 24.34 -8.65
C CYS D 149 -13.25 25.84 -8.71
N SER D 150 -14.29 26.67 -8.88
CA SER D 150 -14.06 28.11 -8.93
C SER D 150 -15.28 28.78 -8.33
N ASN D 151 -15.08 30.02 -7.86
CA ASN D 151 -16.12 30.84 -7.18
C ASN D 151 -16.82 30.07 -6.07
N VAL D 152 -16.02 29.51 -5.18
CA VAL D 152 -16.57 28.68 -4.12
C VAL D 152 -16.76 29.52 -2.88
N THR D 153 -17.91 29.34 -2.24
CA THR D 153 -18.23 29.98 -0.98
C THR D 153 -18.16 28.92 0.08
N ILE D 154 -17.46 29.23 1.16
CA ILE D 154 -17.39 28.31 2.29
C ILE D 154 -17.89 28.93 3.57
N ILE D 155 -18.80 28.25 4.25
CA ILE D 155 -19.36 28.75 5.50
C ILE D 155 -19.23 27.75 6.62
N ARG D 156 -18.60 28.17 7.71
CA ARG D 156 -18.57 27.36 8.92
C ARG D 156 -19.88 27.65 9.72
N ILE D 157 -20.63 26.61 10.06
CA ILE D 157 -21.69 26.74 11.04
C ILE D 157 -21.25 26.10 12.35
N GLY D 158 -21.47 26.81 13.43
CA GLY D 158 -21.06 26.25 14.72
C GLY D 158 -21.87 26.69 15.90
N THR D 159 -21.36 26.35 17.09
CA THR D 159 -21.89 26.79 18.36
C THR D 159 -20.81 27.65 19.05
N SER D 160 -21.19 28.37 20.07
CA SER D 160 -20.24 29.30 20.69
C SER D 160 -20.76 29.72 22.05
N GLY D 161 -19.90 30.40 22.81
CA GLY D 161 -20.27 31.01 24.09
C GLY D 161 -20.52 32.48 23.76
N GLY D 162 -21.65 33.02 24.18
CA GLY D 162 -21.93 34.42 23.88
C GLY D 162 -21.34 35.31 25.01
N ILE D 163 -21.00 36.54 24.66
CA ILE D 163 -20.61 37.56 25.63
C ILE D 163 -21.59 38.77 25.49
N GLY D 164 -22.51 38.87 26.43
CA GLY D 164 -23.50 39.99 26.50
C GLY D 164 -24.60 39.85 25.46
N LEU D 165 -24.89 38.62 25.06
CA LEU D 165 -25.97 38.32 24.11
C LEU D 165 -26.90 37.34 24.79
N GLU D 166 -28.20 37.42 24.51
CA GLU D 166 -29.09 36.34 24.92
C GLU D 166 -28.75 34.95 24.30
N PRO D 167 -28.88 33.87 25.07
CA PRO D 167 -28.72 32.52 24.50
C PRO D 167 -29.62 32.34 23.26
N GLY D 168 -29.12 31.63 22.26
CA GLY D 168 -29.82 31.45 20.99
C GLY D 168 -29.58 32.52 19.93
N THR D 169 -28.83 33.56 20.24
CA THR D 169 -28.44 34.59 19.25
C THR D 169 -27.49 34.06 18.22
N VAL D 170 -27.77 34.35 16.96
CA VAL D 170 -26.85 33.98 15.90
C VAL D 170 -25.89 35.15 15.65
N VAL D 171 -24.59 34.84 15.65
CA VAL D 171 -23.52 35.83 15.31
C VAL D 171 -22.92 35.51 13.93
N ILE D 172 -22.99 36.49 13.04
CA ILE D 172 -22.23 36.47 11.81
C ILE D 172 -20.88 37.14 12.13
N THR D 173 -19.80 36.36 12.03
CA THR D 173 -18.46 36.87 12.39
C THR D 173 -17.99 37.94 11.40
N GLU D 174 -17.62 39.10 11.94
CA GLU D 174 -16.93 40.11 11.14
C GLU D 174 -15.41 39.83 11.04
N GLN D 175 -14.74 39.75 12.19
CA GLN D 175 -13.36 39.30 12.27
C GLN D 175 -13.22 38.18 13.26
N ALA D 176 -12.47 37.16 12.86
CA ALA D 176 -12.05 36.12 13.79
C ALA D 176 -10.81 36.67 14.52
N VAL D 177 -10.82 36.67 15.86
CA VAL D 177 -9.74 37.29 16.65
C VAL D 177 -9.11 36.32 17.64
N ASP D 178 -7.88 36.61 18.04
CA ASP D 178 -7.17 35.78 19.00
C ASP D 178 -7.45 36.20 20.46
N THR D 179 -6.65 35.69 21.40
CA THR D 179 -6.89 35.99 22.80
C THR D 179 -6.43 37.41 23.23
N CYS D 180 -5.85 38.17 22.33
CA CYS D 180 -5.59 39.59 22.57
C CYS D 180 -6.60 40.43 21.81
N PHE D 181 -7.57 39.76 21.17
CA PHE D 181 -8.65 40.42 20.44
C PHE D 181 -8.18 41.03 19.11
N LYS D 182 -7.02 40.59 18.60
CA LYS D 182 -6.53 40.99 17.27
C LYS D 182 -6.89 39.95 16.20
N ALA D 183 -7.14 40.44 14.98
CA ALA D 183 -7.45 39.60 13.82
C ALA D 183 -6.20 38.92 13.24
N GLU D 184 -5.62 38.01 14.00
CA GLU D 184 -4.39 37.30 13.60
C GLU D 184 -4.48 35.82 14.00
N PHE D 185 -3.83 34.97 13.21
CA PHE D 185 -3.62 33.52 13.56
C PHE D 185 -2.09 33.27 13.60
N GLU D 186 -1.57 32.75 14.72
CA GLU D 186 -0.17 32.40 14.86
C GLU D 186 0.03 30.88 14.93
N GLN D 187 1.03 30.38 14.20
CA GLN D 187 1.44 29.01 14.27
C GLN D 187 2.95 28.90 14.16
N ILE D 188 3.44 27.70 14.37
CA ILE D 188 4.89 27.45 14.39
C ILE D 188 5.16 26.58 13.19
N VAL D 189 6.07 27.04 12.36
CA VAL D 189 6.43 26.35 11.13
C VAL D 189 7.95 26.19 11.17
N LEU D 190 8.39 24.93 11.19
CA LEU D 190 9.80 24.61 11.35
C LEU D 190 10.44 25.37 12.51
N GLY D 191 9.74 25.49 13.61
CA GLY D 191 10.30 26.15 14.78
C GLY D 191 10.13 27.67 14.80
N LYS D 192 9.65 28.26 13.73
CA LYS D 192 9.47 29.70 13.67
C LYS D 192 8.00 30.11 13.84
N ARG D 193 7.74 31.10 14.71
CA ARG D 193 6.37 31.65 14.85
C ARG D 193 6.01 32.46 13.61
N VAL D 194 4.92 32.09 12.94
CA VAL D 194 4.46 32.82 11.77
C VAL D 194 3.02 33.32 12.03
N ILE D 195 2.74 34.59 11.69
CA ILE D 195 1.40 35.19 11.88
C ILE D 195 0.74 35.42 10.53
N ARG D 196 -0.52 35.01 10.41
CA ARG D 196 -1.33 35.29 9.21
C ARG D 196 -2.49 36.17 9.64
N LYS D 197 -2.99 36.97 8.71
CA LYS D 197 -4.15 37.78 9.03
C LYS D 197 -5.39 36.97 8.83
N THR D 198 -6.39 37.20 9.68
CA THR D 198 -7.66 36.57 9.48
C THR D 198 -8.47 37.59 8.65
N ASP D 199 -9.19 37.09 7.65
CA ASP D 199 -9.94 37.96 6.76
C ASP D 199 -11.13 37.20 6.20
N LEU D 200 -12.31 37.42 6.78
CA LEU D 200 -13.56 36.84 6.25
C LEU D 200 -14.15 37.79 5.24
N ASN D 201 -14.82 37.25 4.21
CA ASN D 201 -15.26 38.02 3.06
C ASN D 201 -16.35 39.02 3.46
N LYS D 202 -16.08 40.33 3.34
CA LYS D 202 -17.07 41.37 3.76
C LYS D 202 -18.37 41.30 2.97
N LYS D 203 -18.27 41.02 1.67
CA LYS D 203 -19.42 40.93 0.82
C LYS D 203 -20.34 39.75 1.26
N LEU D 204 -19.72 38.64 1.66
CA LEU D 204 -20.48 37.49 2.14
C LEU D 204 -21.13 37.80 3.49
N VAL D 205 -20.41 38.48 4.38
CA VAL D 205 -20.96 38.88 5.67
C VAL D 205 -22.21 39.73 5.44
N GLN D 206 -22.12 40.69 4.53
CA GLN D 206 -23.27 41.53 4.21
C GLN D 206 -24.47 40.72 3.66
N GLU D 207 -24.20 39.83 2.72
CA GLU D 207 -25.26 38.99 2.13
C GLU D 207 -25.96 38.13 3.18
N LEU D 208 -25.20 37.55 4.12
CA LEU D 208 -25.81 36.75 5.19
C LEU D 208 -26.64 37.66 6.12
N LEU D 209 -26.13 38.85 6.39
CA LEU D 209 -26.91 39.81 7.21
C LEU D 209 -28.26 40.16 6.57
N LEU D 210 -28.22 40.50 5.28
CA LEU D 210 -29.44 40.75 4.49
C LEU D 210 -30.39 39.54 4.52
N CYS D 211 -29.83 38.34 4.36
CA CYS D 211 -30.63 37.14 4.41
C CYS D 211 -31.30 36.98 5.81
N SER D 212 -30.54 37.23 6.88
CA SER D 212 -31.09 37.12 8.23
C SER D 212 -32.28 38.07 8.51
N ALA D 213 -32.14 39.30 8.05
CA ALA D 213 -33.18 40.34 8.21
C ALA D 213 -34.45 39.97 7.43
N GLU D 214 -34.27 39.37 6.27
CA GLU D 214 -35.39 38.96 5.46
C GLU D 214 -36.07 37.70 6.04
N LEU D 215 -35.25 36.74 6.48
CA LEU D 215 -35.78 35.52 7.12
C LEU D 215 -36.52 35.83 8.42
N SER D 216 -35.92 36.66 9.27
CA SER D 216 -36.54 37.17 10.49
C SER D 216 -37.06 36.06 11.44
N GLU D 217 -36.23 35.04 11.72
CA GLU D 217 -36.68 33.91 12.56
C GLU D 217 -36.03 33.86 13.94
N PHE D 218 -34.96 34.64 14.14
CA PHE D 218 -34.27 34.70 15.41
C PHE D 218 -33.34 35.93 15.37
N THR D 219 -32.95 36.40 16.55
CA THR D 219 -32.02 37.52 16.67
C THR D 219 -30.67 37.17 16.05
N THR D 220 -30.18 38.06 15.18
CA THR D 220 -28.90 37.93 14.51
C THR D 220 -28.07 39.21 14.74
N VAL D 221 -26.80 39.01 15.09
CA VAL D 221 -25.86 40.16 15.23
C VAL D 221 -24.59 39.96 14.38
N VAL D 222 -23.92 41.06 14.03
CA VAL D 222 -22.63 40.98 13.38
C VAL D 222 -21.64 41.46 14.46
N GLY D 223 -20.57 40.69 14.70
CA GLY D 223 -19.60 41.07 15.75
C GLY D 223 -18.31 40.24 15.62
N ASN D 224 -17.36 40.48 16.51
CA ASN D 224 -16.13 39.68 16.45
C ASN D 224 -16.23 38.41 17.23
N THR D 225 -15.47 37.40 16.80
CA THR D 225 -15.54 36.09 17.37
C THR D 225 -14.13 35.70 17.82
N MET D 226 -13.96 35.42 19.09
CA MET D 226 -12.65 35.03 19.60
C MET D 226 -12.44 33.53 19.54
N CYS D 227 -11.30 33.14 18.97
CA CYS D 227 -10.94 31.73 18.78
C CYS D 227 -9.88 31.30 19.83
N THR D 228 -10.15 30.23 20.58
CA THR D 228 -9.25 29.73 21.61
C THR D 228 -8.85 28.26 21.38
N LEU D 229 -7.70 27.85 21.93
CA LEU D 229 -7.23 26.45 21.89
C LEU D 229 -7.72 25.50 23.04
N ASP D 230 -8.35 26.07 24.02
CA ASP D 230 -8.81 25.26 25.12
C ASP D 230 -10.19 25.83 25.42
N PHE D 231 -11.11 24.94 25.71
CA PHE D 231 -12.50 25.25 26.06
C PHE D 231 -12.65 25.70 27.53
N TYR D 232 -11.86 25.11 28.43
CA TYR D 232 -12.05 25.33 29.88
C TYR D 232 -11.25 26.54 30.33
N GLU D 233 -9.97 26.35 30.67
CA GLU D 233 -9.13 27.48 31.05
C GLU D 233 -8.92 28.45 29.92
N GLY D 234 -8.92 27.96 28.68
CA GLY D 234 -8.68 28.86 27.54
C GLY D 234 -9.84 29.81 27.27
N GLN D 235 -11.00 29.53 27.87
CA GLN D 235 -12.15 30.45 27.78
C GLN D 235 -12.59 31.05 29.12
N GLY D 236 -11.71 30.99 30.14
CA GLY D 236 -12.00 31.52 31.48
C GLY D 236 -13.15 30.89 32.22
N ARG D 237 -13.44 29.63 31.93
CA ARG D 237 -14.44 28.89 32.66
C ARG D 237 -13.97 28.58 34.07
N LEU D 238 -14.92 28.34 34.96
CA LEU D 238 -14.65 28.01 36.35
C LEU D 238 -14.90 26.53 36.65
N ASP D 239 -15.23 25.71 35.63
CA ASP D 239 -15.64 24.33 35.89
C ASP D 239 -14.75 23.21 35.30
N GLY D 240 -13.50 23.53 34.95
CA GLY D 240 -12.59 22.52 34.39
C GLY D 240 -12.05 21.62 35.49
N ALA D 241 -11.28 20.61 35.11
CA ALA D 241 -10.46 19.84 36.08
C ALA D 241 -9.41 20.73 36.76
N LEU D 242 -9.02 21.79 36.05
CA LEU D 242 -8.00 22.76 36.49
C LEU D 242 -8.54 24.15 36.35
N CYS D 243 -8.27 25.01 37.34
CA CYS D 243 -8.67 26.40 37.27
C CYS D 243 -7.78 27.24 38.18
N SER D 244 -7.01 28.14 37.60
CA SER D 244 -5.97 28.90 38.29
C SER D 244 -6.28 30.41 38.51
N TYR D 245 -7.54 30.80 38.28
CA TYR D 245 -7.95 32.19 38.36
C TYR D 245 -9.28 32.26 39.11
N THR D 246 -9.67 33.50 39.43
CA THR D 246 -10.91 33.78 40.15
C THR D 246 -12.06 34.17 39.21
N GLU D 247 -13.29 34.06 39.71
CA GLU D 247 -14.48 34.61 39.06
C GLU D 247 -14.31 36.09 38.66
N LYS D 248 -13.67 36.89 39.51
CA LYS D 248 -13.39 38.31 39.19
C LYS D 248 -12.39 38.48 38.06
N ASP D 249 -11.38 37.61 38.02
CA ASP D 249 -10.36 37.65 36.96
C ASP D 249 -10.98 37.34 35.60
N LYS D 250 -11.80 36.31 35.56
CA LYS D 250 -12.39 35.88 34.29
C LYS D 250 -13.44 36.88 33.82
N GLN D 251 -14.16 37.48 34.77
CA GLN D 251 -15.12 38.52 34.40
C GLN D 251 -14.46 39.77 33.79
N ALA D 252 -13.36 40.24 34.39
CA ALA D 252 -12.59 41.35 33.78
C ALA D 252 -12.07 41.00 32.37
N TYR D 253 -11.65 39.75 32.18
CA TYR D 253 -11.21 39.31 30.87
C TYR D 253 -12.36 39.28 29.83
N LEU D 254 -13.51 38.72 30.18
CA LEU D 254 -14.66 38.70 29.27
C LEU D 254 -15.14 40.11 28.98
N GLU D 255 -15.17 40.97 30.02
CA GLU D 255 -15.53 42.39 29.80
C GLU D 255 -14.57 43.13 28.86
N ALA D 256 -13.29 42.82 28.97
CA ALA D 256 -12.29 43.39 28.06
C ALA D 256 -12.48 42.89 26.63
N ALA D 257 -12.80 41.61 26.52
CA ALA D 257 -13.14 41.04 25.19
C ALA D 257 -14.33 41.80 24.60
N TYR D 258 -15.40 41.97 25.37
CA TYR D 258 -16.59 42.72 24.91
C TYR D 258 -16.29 44.16 24.44
N ALA D 259 -15.54 44.89 25.28
CA ALA D 259 -15.11 46.25 24.94
C ALA D 259 -14.34 46.31 23.63
N ALA D 260 -13.57 45.24 23.35
CA ALA D 260 -12.82 45.12 22.11
C ALA D 260 -13.66 44.61 20.94
N GLY D 261 -14.97 44.37 21.16
CA GLY D 261 -15.87 44.11 20.01
C GLY D 261 -16.24 42.64 19.87
N VAL D 262 -15.73 41.83 20.78
CA VAL D 262 -16.00 40.38 20.79
C VAL D 262 -17.42 40.11 21.30
N ARG D 263 -18.15 39.30 20.55
CA ARG D 263 -19.49 38.92 20.98
C ARG D 263 -19.65 37.45 21.20
N ASN D 264 -18.74 36.63 20.65
CA ASN D 264 -18.82 35.22 21.01
C ASN D 264 -17.45 34.56 20.97
N ILE D 265 -17.42 33.31 21.45
CA ILE D 265 -16.18 32.56 21.64
C ILE D 265 -16.34 31.14 21.14
N GLU D 266 -15.40 30.70 20.32
CA GLU D 266 -15.41 29.31 19.84
C GLU D 266 -13.99 28.82 19.55
N MET D 267 -13.83 27.74 18.79
CA MET D 267 -12.50 27.11 18.66
C MET D 267 -11.97 26.84 17.23
N GLU D 268 -12.61 27.37 16.18
CA GLU D 268 -12.10 27.11 14.80
C GLU D 268 -11.88 28.28 13.86
N SER D 269 -12.41 29.47 14.18
CA SER D 269 -12.60 30.46 13.14
C SER D 269 -11.28 31.10 12.68
N SER D 270 -10.27 31.16 13.55
CA SER D 270 -9.05 31.90 13.20
C SER D 270 -8.29 31.18 12.05
N VAL D 271 -8.05 29.87 12.19
CA VAL D 271 -7.32 29.14 11.15
C VAL D 271 -8.23 29.03 9.89
N PHE D 272 -9.53 28.84 10.10
CA PHE D 272 -10.51 28.85 8.99
C PHE D 272 -10.42 30.13 8.13
N ALA D 273 -10.51 31.29 8.77
CA ALA D 273 -10.43 32.58 8.08
C ALA D 273 -9.11 32.74 7.35
N ALA D 274 -7.99 32.37 7.98
CA ALA D 274 -6.64 32.58 7.38
C ALA D 274 -6.44 31.67 6.17
N MET D 275 -6.87 30.42 6.24
CA MET D 275 -6.56 29.47 5.16
C MET D 275 -7.44 29.72 3.92
N CYS D 276 -8.72 29.99 4.15
CA CYS D 276 -9.68 30.15 3.08
C CYS D 276 -9.38 31.35 2.20
N SER D 277 -9.16 32.52 2.80
CA SER D 277 -8.84 33.73 2.04
C SER D 277 -7.58 33.50 1.21
N ALA D 278 -6.52 32.97 1.83
CA ALA D 278 -5.26 32.62 1.12
C ALA D 278 -5.43 31.73 -0.12
N CYS D 279 -6.37 30.80 -0.06
CA CYS D 279 -6.58 29.86 -1.16
C CYS D 279 -7.75 30.21 -2.08
N GLY D 280 -8.30 31.40 -1.92
CA GLY D 280 -9.27 31.90 -2.90
C GLY D 280 -10.70 31.42 -2.77
N LEU D 281 -11.10 31.06 -1.55
CA LEU D 281 -12.48 30.72 -1.22
C LEU D 281 -13.10 31.92 -0.48
N GLN D 282 -14.38 32.20 -0.73
CA GLN D 282 -15.04 33.32 0.01
C GLN D 282 -15.65 32.72 1.24
N ALA D 283 -15.15 33.12 2.41
CA ALA D 283 -15.50 32.47 3.67
C ALA D 283 -16.25 33.41 4.63
N ALA D 284 -17.09 32.76 5.43
CA ALA D 284 -17.86 33.35 6.50
C ALA D 284 -18.08 32.32 7.63
N VAL D 285 -18.38 32.85 8.81
CA VAL D 285 -18.66 32.05 10.01
C VAL D 285 -19.98 32.45 10.60
N VAL D 286 -20.86 31.46 10.73
CA VAL D 286 -22.17 31.66 11.34
C VAL D 286 -22.33 30.73 12.56
N CYS D 287 -22.34 31.33 13.75
CA CYS D 287 -22.48 30.53 15.00
C CYS D 287 -23.63 30.97 15.88
N VAL D 288 -24.27 30.00 16.53
CA VAL D 288 -25.26 30.32 17.52
C VAL D 288 -24.60 30.26 18.90
N THR D 289 -25.03 31.18 19.77
CA THR D 289 -24.58 31.18 21.16
C THR D 289 -25.50 30.24 21.96
N LEU D 290 -24.92 29.45 22.86
CA LEU D 290 -25.70 28.49 23.66
C LEU D 290 -25.93 29.03 25.08
N LEU D 291 -25.26 30.12 25.42
CA LEU D 291 -25.33 30.72 26.77
C LEU D 291 -24.61 32.07 26.74
N ASN D 292 -24.85 32.88 27.77
CA ASN D 292 -24.21 34.17 27.94
C ASN D 292 -23.14 33.98 29.03
N ARG D 293 -21.88 34.05 28.61
CA ARG D 293 -20.76 33.71 29.49
C ARG D 293 -20.60 34.68 30.66
N LEU D 294 -21.14 35.88 30.53
CA LEU D 294 -21.15 36.83 31.68
C LEU D 294 -22.02 36.29 32.82
N GLU D 295 -23.00 35.43 32.51
CA GLU D 295 -23.82 34.80 33.56
C GLU D 295 -23.39 33.39 34.05
N GLY D 296 -22.43 32.75 33.37
CA GLY D 296 -22.05 31.39 33.76
C GLY D 296 -21.39 30.59 32.66
N ASP D 297 -21.12 29.32 32.97
CA ASP D 297 -20.28 28.45 32.14
C ASP D 297 -21.05 27.27 31.55
N GLN D 298 -22.20 26.99 32.13
CA GLN D 298 -23.02 25.84 31.72
C GLN D 298 -24.41 26.26 31.22
N ILE D 299 -24.94 25.45 30.30
CA ILE D 299 -26.15 25.81 29.57
C ILE D 299 -27.37 25.55 30.44
N SER D 300 -28.14 26.59 30.74
CA SER D 300 -29.36 26.46 31.51
C SER D 300 -30.65 26.35 30.66
N SER D 301 -30.56 26.53 29.35
CA SER D 301 -31.70 26.27 28.46
C SER D 301 -32.15 24.79 28.51
N PRO D 302 -33.47 24.53 28.67
CA PRO D 302 -33.92 23.13 28.66
C PRO D 302 -33.59 22.42 27.36
N ARG D 303 -33.53 21.09 27.40
CA ARG D 303 -33.15 20.27 26.27
C ARG D 303 -33.86 20.65 24.95
N ASN D 304 -35.20 20.79 24.97
CA ASN D 304 -35.92 21.01 23.70
C ASN D 304 -35.77 22.43 23.15
N VAL D 305 -35.40 23.37 24.03
CA VAL D 305 -35.04 24.72 23.58
C VAL D 305 -33.64 24.73 23.02
N LEU D 306 -32.72 24.03 23.69
CA LEU D 306 -31.36 23.91 23.20
C LEU D 306 -31.38 23.34 21.80
N SER D 307 -32.23 22.36 21.54
CA SER D 307 -32.32 21.72 20.21
C SER D 307 -32.70 22.70 19.11
N GLU D 308 -33.61 23.60 19.43
CA GLU D 308 -34.02 24.66 18.49
C GLU D 308 -32.84 25.59 18.17
N TYR D 309 -32.13 26.03 19.20
CA TYR D 309 -30.97 26.93 18.98
C TYR D 309 -29.91 26.30 18.07
N GLN D 310 -29.64 25.00 18.29
CA GLN D 310 -28.64 24.27 17.50
C GLN D 310 -28.94 24.19 15.99
N GLN D 311 -30.21 24.41 15.61
CA GLN D 311 -30.64 24.35 14.21
C GLN D 311 -30.53 25.70 13.53
N ARG D 312 -30.33 26.79 14.28
CA ARG D 312 -30.42 28.14 13.69
C ARG D 312 -29.37 28.47 12.65
N PRO D 313 -28.06 28.17 12.92
CA PRO D 313 -27.08 28.39 11.85
C PRO D 313 -27.42 27.61 10.58
N GLN D 314 -27.89 26.36 10.72
CA GLN D 314 -28.25 25.53 9.56
C GLN D 314 -29.40 26.21 8.78
N ARG D 315 -30.38 26.72 9.52
CA ARG D 315 -31.55 27.38 8.92
C ARG D 315 -31.11 28.56 8.08
N LEU D 316 -30.28 29.41 8.64
CA LEU D 316 -29.80 30.61 7.90
C LEU D 316 -28.99 30.30 6.65
N VAL D 317 -28.01 29.40 6.78
CA VAL D 317 -27.14 29.08 5.65
C VAL D 317 -27.87 28.27 4.56
N SER D 318 -28.75 27.36 4.93
CA SER D 318 -29.50 26.64 3.90
C SER D 318 -30.47 27.61 3.18
N TYR D 319 -31.03 28.56 3.91
CA TYR D 319 -31.88 29.61 3.29
C TYR D 319 -31.07 30.50 2.35
N PHE D 320 -29.89 30.92 2.80
CA PHE D 320 -28.94 31.66 1.95
C PHE D 320 -28.58 30.95 0.64
N ILE D 321 -28.24 29.66 0.73
CA ILE D 321 -27.90 28.85 -0.45
C ILE D 321 -29.06 28.73 -1.45
N LYS D 322 -30.24 28.36 -0.95
CA LYS D 322 -31.46 28.34 -1.76
C LYS D 322 -31.65 29.65 -2.55
N LYS D 323 -31.53 30.79 -1.83
CA LYS D 323 -31.66 32.11 -2.43
C LYS D 323 -30.63 32.37 -3.50
N LYS D 324 -29.36 32.09 -3.21
CA LYS D 324 -28.28 32.28 -4.19
C LYS D 324 -28.50 31.44 -5.45
N LEU D 325 -28.93 30.19 -5.24
CA LEU D 325 -29.08 29.21 -6.33
C LEU D 325 -30.26 29.49 -7.23
N SER D 326 -31.38 29.92 -6.65
CA SER D 326 -32.57 30.26 -7.43
C SER D 326 -32.37 31.59 -8.19
N LYS D 327 -31.10 31.99 -8.32
CA LYS D 327 -30.68 33.29 -8.87
C LYS D 327 -31.23 34.48 -8.09
OAC BAU E . 9.81 -28.68 -19.18
CAJ BAU E . 10.60 -27.54 -18.71
CAK BAU E . 12.10 -27.60 -19.13
OAO BAU E . 13.05 -28.50 -18.52
CAM BAU E . 13.77 -28.51 -19.68
NAT BAU E . 13.57 -29.60 -20.46
CAS BAU E . 14.09 -29.23 -21.67
OAB BAU E . 14.57 -28.06 -21.75
NAN BAU E . 14.11 -30.10 -22.68
CAR BAU E . 13.54 -31.30 -22.50
OAA BAU E . 13.60 -32.03 -23.51
CAI BAU E . 12.96 -30.79 -20.18
CAQ BAU E . 12.96 -31.69 -21.27
CAL BAU E . 12.32 -33.06 -21.06
CG BAU E . 10.88 -33.06 -21.55
CD2 BAU E . 9.91 -32.34 -20.87
CE2 BAU E . 8.59 -32.35 -21.34
CZ BAU E . 8.23 -33.12 -22.45
CE1 BAU E . 9.18 -33.86 -23.12
CD1 BAU E . 10.51 -33.84 -22.67
P PO4 F . 13.30 -27.65 -14.51
O1 PO4 F . 12.43 -26.48 -14.95
O2 PO4 F . 13.96 -27.30 -13.19
O3 PO4 F . 12.42 -28.86 -14.40
O4 PO4 F . 14.32 -28.01 -15.55
OAC BAU G . 8.72 -8.15 -13.29
CAJ BAU G . 8.29 -8.77 -14.51
CAK BAU G . 8.41 -7.88 -15.79
OAO BAU G . 7.29 -7.12 -16.36
CAM BAU G . 8.26 -6.42 -16.99
NAT BAU G . 8.70 -5.31 -16.38
CAS BAU G . 9.91 -5.04 -17.00
OAB BAU G . 10.25 -5.86 -17.90
NAN BAU G . 10.59 -3.93 -16.74
CAR BAU G . 10.07 -3.14 -15.79
OAA BAU G . 10.77 -2.14 -15.59
CAI BAU G . 8.15 -4.59 -15.43
CAQ BAU G . 8.85 -3.42 -15.09
CAL BAU G . 8.25 -2.59 -14.00
CG BAU G . 8.95 -2.83 -12.70
CD2 BAU G . 8.75 -4.05 -12.01
CE2 BAU G . 9.42 -4.24 -10.81
CZ BAU G . 10.27 -3.28 -10.27
CE1 BAU G . 10.49 -2.08 -10.94
CD1 BAU G . 9.84 -1.88 -12.16
P PO4 H . 3.98 -9.21 -16.59
O1 PO4 H . 4.92 -10.38 -16.22
O2 PO4 H . 2.77 -9.80 -17.32
O3 PO4 H . 3.53 -8.45 -15.35
O4 PO4 H . 4.66 -8.17 -17.46
OAC BAU I . -3.68 11.33 11.32
CAJ BAU I . -3.99 11.82 12.65
CAK BAU I . -2.69 12.07 13.49
OAO BAU I . -1.98 11.01 14.15
CAM BAU I . -0.86 11.83 14.03
NAT BAU I . 0.02 11.57 13.09
CAS BAU I . 0.84 12.70 12.97
OAB BAU I . 0.61 13.65 13.78
NAN BAU I . 1.86 12.71 12.10
CAR BAU I . 2.00 11.64 11.30
OAA BAU I . 2.92 11.69 10.47
CAI BAU I . 0.10 10.47 12.27
CAQ BAU I . 1.16 10.50 11.36
CAL BAU I . 1.37 9.33 10.40
CG BAU I . 0.68 9.59 9.10
CD2 BAU I . -0.71 9.65 9.07
CE2 BAU I . -1.36 9.90 7.88
CZ BAU I . -0.63 10.11 6.72
CE1 BAU I . 0.76 10.07 6.72
CD1 BAU I . 1.42 9.81 7.93
P PO4 J . -4.23 8.95 16.72
O1 PO4 J . -5.16 10.11 16.35
O2 PO4 J . -4.65 8.48 18.11
O3 PO4 J . -4.21 7.84 15.69
O4 PO4 J . -2.83 9.53 16.80
OAC BAU K . -18.60 22.32 22.38
CAJ BAU K . -17.53 22.48 21.40
CAK BAU K . -17.23 23.94 20.91
OAO BAU K . -18.22 24.75 20.22
CAM BAU K . -17.57 25.79 20.86
NAT BAU K . -18.09 26.31 21.96
CAS BAU K . -17.09 27.06 22.60
OAB BAU K . -15.97 27.10 22.05
NAN BAU K . -17.39 27.74 23.68
CAR BAU K . -18.62 27.64 24.20
OAA BAU K . -18.83 28.26 25.25
CAI BAU K . -19.33 26.18 22.45
CAQ BAU K . -19.63 26.86 23.59
CAL BAU K . -21.04 26.76 24.16
CG BAU K . -21.14 25.65 25.19
CD2 BAU K . -21.05 24.31 24.77
CE2 BAU K . -21.15 23.29 25.71
CZ BAU K . -21.33 23.60 27.08
CE1 BAU K . -21.40 24.91 27.52
CD1 BAU K . -21.31 25.94 26.56
P PO4 L . -19.13 23.41 16.51
O1 PO4 L . -18.08 22.38 16.97
O2 PO4 L . -19.05 23.46 14.99
O3 PO4 L . -20.44 23.03 17.16
O4 PO4 L . -18.76 24.77 17.04
#